data_4BZT
# 
_entry.id   4BZT 
# 
_audit_conform.dict_name       mmcif_pdbx.dic 
_audit_conform.dict_version    5.392 
_audit_conform.dict_location   http://mmcif.pdb.org/dictionaries/ascii/mmcif_pdbx.dic 
# 
loop_
_database_2.database_id 
_database_2.database_code 
_database_2.pdbx_database_accession 
_database_2.pdbx_DOI 
PDB   4BZT         pdb_00004bzt 10.2210/pdb4bzt/pdb 
PDBE  EBI-57846    ?            ?                   
WWPDB D_1290057846 ?            ?                   
# 
loop_
_pdbx_audit_revision_history.ordinal 
_pdbx_audit_revision_history.data_content_type 
_pdbx_audit_revision_history.major_revision 
_pdbx_audit_revision_history.minor_revision 
_pdbx_audit_revision_history.revision_date 
1 'Structure model' 1 0 2013-08-21 
2 'Structure model' 1 1 2013-09-04 
3 'Structure model' 1 2 2014-09-03 
4 'Structure model' 1 3 2024-05-15 
# 
_pdbx_audit_revision_details.ordinal             1 
_pdbx_audit_revision_details.revision_ordinal    1 
_pdbx_audit_revision_details.data_content_type   'Structure model' 
_pdbx_audit_revision_details.provider            repository 
_pdbx_audit_revision_details.type                'Initial release' 
_pdbx_audit_revision_details.description         ? 
_pdbx_audit_revision_details.details             ? 
# 
loop_
_pdbx_audit_revision_group.ordinal 
_pdbx_audit_revision_group.revision_ordinal 
_pdbx_audit_revision_group.data_content_type 
_pdbx_audit_revision_group.group 
1 2 'Structure model' 'Structure summary'    
2 3 'Structure model' 'Database references'  
3 4 'Structure model' 'Data collection'      
4 4 'Structure model' 'Database references'  
5 4 'Structure model' 'Derived calculations' 
6 4 'Structure model' Other                  
# 
loop_
_pdbx_audit_revision_category.ordinal 
_pdbx_audit_revision_category.revision_ordinal 
_pdbx_audit_revision_category.data_content_type 
_pdbx_audit_revision_category.category 
1 4 'Structure model' chem_comp_atom        
2 4 'Structure model' chem_comp_bond        
3 4 'Structure model' database_2            
4 4 'Structure model' pdbx_database_status  
5 4 'Structure model' pdbx_nmr_software     
6 4 'Structure model' pdbx_nmr_spectrometer 
7 4 'Structure model' struct_site           
# 
loop_
_pdbx_audit_revision_item.ordinal 
_pdbx_audit_revision_item.revision_ordinal 
_pdbx_audit_revision_item.data_content_type 
_pdbx_audit_revision_item.item 
1 4 'Structure model' '_database_2.pdbx_DOI'                 
2 4 'Structure model' '_database_2.pdbx_database_accession'  
3 4 'Structure model' '_pdbx_database_status.status_code_cs' 
4 4 'Structure model' '_pdbx_database_status.status_code_mr' 
5 4 'Structure model' '_pdbx_nmr_software.name'              
6 4 'Structure model' '_pdbx_nmr_spectrometer.model'         
7 4 'Structure model' '_struct_site.pdbx_auth_asym_id'       
8 4 'Structure model' '_struct_site.pdbx_auth_comp_id'       
9 4 'Structure model' '_struct_site.pdbx_auth_seq_id'        
# 
_pdbx_database_status.status_code                     REL 
_pdbx_database_status.entry_id                        4BZT 
_pdbx_database_status.deposit_site                    PDBE 
_pdbx_database_status.process_site                    PDBE 
_pdbx_database_status.SG_entry                        . 
_pdbx_database_status.recvd_initial_deposition_date   2013-07-30 
_pdbx_database_status.pdb_format_compatible           Y 
_pdbx_database_status.status_code_sf                  ? 
_pdbx_database_status.status_code_mr                  REL 
_pdbx_database_status.status_code_cs                  REL 
_pdbx_database_status.methods_development_category    ? 
_pdbx_database_status.status_code_nmr_data            ? 
# 
loop_
_pdbx_database_related.db_name 
_pdbx_database_related.db_id 
_pdbx_database_related.content_type 
_pdbx_database_related.details 
PDB 4BZU unspecified 'SOLUTION STRUCTURE OF THE MLN 944-D(TATGCATA)2 COMPLEX'     
PDB 4BZV unspecified 'THE SOLUTION STRUCTURE OF THE MLN 944-D(TACGCGTA)2 COMPLEX' 
# 
loop_
_audit_author.name 
_audit_author.pdbx_ordinal 
'Serobian, A.'    1 
'Thomas, D.S.'    2 
'Ball, G.E.'      3 
'Denny, W.A.'     4 
'Wakelin, L.P.G.' 5 
# 
_citation.id                        primary 
_citation.title                     
'The Solution Structure of Bis(Phenazine-1-Carboxamide)-DNA Complexes: Mln 944 Binding Corrected and Extended.' 
_citation.journal_abbrev            Biopolymers 
_citation.journal_volume            101 
_citation.page_first                1099 
_citation.page_last                 ? 
_citation.year                      2014 
_citation.journal_id_ASTM           BIPMAA 
_citation.country                   US 
_citation.journal_id_ISSN           0006-3525 
_citation.journal_id_CSD            0161 
_citation.book_publisher            ? 
_citation.pdbx_database_id_PubMed   24898663 
_citation.pdbx_database_id_DOI      10.1002/BIP.22513 
# 
loop_
_citation_author.citation_id 
_citation_author.name 
_citation_author.ordinal 
_citation_author.identifier_ORCID 
primary 'Serobian, A.'    1 ? 
primary 'Thomas, D.S.'    2 ? 
primary 'Ball, G.E.'      3 ? 
primary 'Denny, W.A.'     4 ? 
primary 'Wakelin, L.P.G.' 5 ? 
# 
loop_
_entity.id 
_entity.type 
_entity.src_method 
_entity.pdbx_description 
_entity.formula_weight 
_entity.pdbx_number_of_molecules 
_entity.pdbx_ec 
_entity.pdbx_mutation 
_entity.pdbx_fragment 
_entity.details 
1 polymer     syn DNA                                                                                                         
1808.229 2 ? ? ? 'THE DNA CONFORMATION IS IN THE FORM OF B-DNA.' 
2 non-polymer syn '1-METHYL-9-[12-(9-METHYLPHENAZIN-10-IUM-1-YL)-12-OXO-2,11-DIAZA-5,8-DIAZONIADODEC-1-ANOYL]PHENAZIN-10-IUM' 
590.718  1 ? ? ? ?                                               
# 
_entity_poly.entity_id                      1 
_entity_poly.type                           polydeoxyribonucleotide 
_entity_poly.nstd_linkage                   no 
_entity_poly.nstd_monomer                   no 
_entity_poly.pdbx_seq_one_letter_code       '(DA)(DT)(DG)(DC)(DA)(DT)' 
_entity_poly.pdbx_seq_one_letter_code_can   ATGCAT 
_entity_poly.pdbx_strand_id                 A,B 
_entity_poly.pdbx_target_identifier         ? 
# 
_pdbx_entity_nonpoly.entity_id   2 
_pdbx_entity_nonpoly.name        
'1-METHYL-9-[12-(9-METHYLPHENAZIN-10-IUM-1-YL)-12-OXO-2,11-DIAZA-5,8-DIAZONIADODEC-1-ANOYL]PHENAZIN-10-IUM' 
_pdbx_entity_nonpoly.comp_id     XR2 
# 
loop_
_entity_poly_seq.entity_id 
_entity_poly_seq.num 
_entity_poly_seq.mon_id 
_entity_poly_seq.hetero 
1 1 DA n 
1 2 DT n 
1 3 DG n 
1 4 DC n 
1 5 DA n 
1 6 DT n 
# 
_pdbx_entity_src_syn.entity_id              1 
_pdbx_entity_src_syn.pdbx_src_id            1 
_pdbx_entity_src_syn.pdbx_alt_source_flag   sample 
_pdbx_entity_src_syn.pdbx_beg_seq_num       ? 
_pdbx_entity_src_syn.pdbx_end_seq_num       ? 
_pdbx_entity_src_syn.organism_scientific    'SYNTHETIC CONSTRUCT' 
_pdbx_entity_src_syn.organism_common_name   ? 
_pdbx_entity_src_syn.ncbi_taxonomy_id       32630 
_pdbx_entity_src_syn.details                EUROGENTEC 
# 
loop_
_chem_comp.id 
_chem_comp.type 
_chem_comp.mon_nstd_flag 
_chem_comp.name 
_chem_comp.pdbx_synonyms 
_chem_comp.formula 
_chem_comp.formula_weight 
DA  'DNA linking' y "2'-DEOXYADENOSINE-5'-MONOPHOSPHATE"                                                                        ? 
'C10 H14 N5 O6 P' 331.222 
DC  'DNA linking' y "2'-DEOXYCYTIDINE-5'-MONOPHOSPHATE"                                                                         ? 
'C9 H14 N3 O7 P'  307.197 
DG  'DNA linking' y "2'-DEOXYGUANOSINE-5'-MONOPHOSPHATE"                                                                        ? 
'C10 H14 N5 O7 P' 347.221 
DT  'DNA linking' y "THYMIDINE-5'-MONOPHOSPHATE"                                                                                ? 
'C10 H15 N2 O8 P' 322.208 
XR2 non-polymer   . '1-METHYL-9-[12-(9-METHYLPHENAZIN-10-IUM-1-YL)-12-OXO-2,11-DIAZA-5,8-DIAZONIADODEC-1-ANOYL]PHENAZIN-10-IUM' ? 
'C34 H38 N8 O2 4' 590.718 
# 
loop_
_pdbx_poly_seq_scheme.asym_id 
_pdbx_poly_seq_scheme.entity_id 
_pdbx_poly_seq_scheme.seq_id 
_pdbx_poly_seq_scheme.mon_id 
_pdbx_poly_seq_scheme.ndb_seq_num 
_pdbx_poly_seq_scheme.pdb_seq_num 
_pdbx_poly_seq_scheme.auth_seq_num 
_pdbx_poly_seq_scheme.pdb_mon_id 
_pdbx_poly_seq_scheme.auth_mon_id 
_pdbx_poly_seq_scheme.pdb_strand_id 
_pdbx_poly_seq_scheme.pdb_ins_code 
_pdbx_poly_seq_scheme.hetero 
A 1 1 DA 1 1  1  DA DA A . n 
A 1 2 DT 2 2  2  DT DT A . n 
A 1 3 DG 3 3  3  DG DG A . n 
A 1 4 DC 4 4  4  DC DC A . n 
A 1 5 DA 5 5  5  DA DA A . n 
A 1 6 DT 6 6  6  DT DT A . n 
B 1 1 DA 1 7  7  DA DA B . n 
B 1 2 DT 2 8  8  DT DT B . n 
B 1 3 DG 3 9  9  DG DG B . n 
B 1 4 DC 4 10 10 DC DC B . n 
B 1 5 DA 5 11 11 DA DA B . n 
B 1 6 DT 6 12 12 DT DT B . n 
# 
_pdbx_nonpoly_scheme.asym_id         C 
_pdbx_nonpoly_scheme.entity_id       2 
_pdbx_nonpoly_scheme.mon_id          XR2 
_pdbx_nonpoly_scheme.ndb_seq_num     1 
_pdbx_nonpoly_scheme.pdb_seq_num     13 
_pdbx_nonpoly_scheme.auth_seq_num    13 
_pdbx_nonpoly_scheme.pdb_mon_id      XR2 
_pdbx_nonpoly_scheme.auth_mon_id     XR2 
_pdbx_nonpoly_scheme.pdb_strand_id   A 
_pdbx_nonpoly_scheme.pdb_ins_code    . 
# 
_cell.entry_id           4BZT 
_cell.length_a           1.000 
_cell.length_b           1.000 
_cell.length_c           1.000 
_cell.angle_alpha        90.00 
_cell.angle_beta         90.00 
_cell.angle_gamma        90.00 
_cell.Z_PDB              1 
_cell.pdbx_unique_axis   ? 
# 
_symmetry.entry_id                         4BZT 
_symmetry.space_group_name_H-M             'P 1' 
_symmetry.pdbx_full_space_group_name_H-M   ? 
_symmetry.cell_setting                     ? 
_symmetry.Int_Tables_number                1 
# 
_exptl.entry_id          4BZT 
_exptl.method            'SOLUTION NMR' 
_exptl.crystals_number   ? 
# 
_struct.entry_id                  4BZT 
_struct.title                     'The Solution Structure of the MLN 944-d(ATGCAT)2 Complex' 
_struct.pdbx_model_details        ? 
_struct.pdbx_CASP_flag            ? 
_struct.pdbx_model_type_details   'MINIMIZED AVERAGE' 
# 
_struct_keywords.entry_id        4BZT 
_struct_keywords.pdbx_keywords   DNA 
_struct_keywords.text            'BIS(PHENAZINE-1-CARBOXAMIDES), DNA, INTERCALATION, DRUG DESIGN, ANTICANCER DRUG.' 
# 
loop_
_struct_asym.id 
_struct_asym.pdbx_blank_PDB_chainid_flag 
_struct_asym.pdbx_modified 
_struct_asym.entity_id 
_struct_asym.details 
A N N 1 ? 
B N N 1 ? 
C N N 2 ? 
# 
_struct_ref.id                         1 
_struct_ref.db_name                    PDB 
_struct_ref.db_code                    4BZT 
_struct_ref.entity_id                  1 
_struct_ref.pdbx_seq_one_letter_code   ? 
_struct_ref.pdbx_align_begin           ? 
_struct_ref.pdbx_db_accession          4BZT 
_struct_ref.pdbx_db_isoform            ? 
# 
loop_
_struct_ref_seq.align_id 
_struct_ref_seq.ref_id 
_struct_ref_seq.pdbx_PDB_id_code 
_struct_ref_seq.pdbx_strand_id 
_struct_ref_seq.seq_align_beg 
_struct_ref_seq.pdbx_seq_align_beg_ins_code 
_struct_ref_seq.seq_align_end 
_struct_ref_seq.pdbx_seq_align_end_ins_code 
_struct_ref_seq.pdbx_db_accession 
_struct_ref_seq.db_align_beg 
_struct_ref_seq.pdbx_db_align_beg_ins_code 
_struct_ref_seq.db_align_end 
_struct_ref_seq.pdbx_db_align_end_ins_code 
_struct_ref_seq.pdbx_auth_seq_align_beg 
_struct_ref_seq.pdbx_auth_seq_align_end 
1 1 4BZT A 1 ? 6 ? 4BZT 1 ? 6  ? 1 6  
2 1 4BZT B 1 ? 6 ? 4BZT 7 ? 12 ? 7 12 
# 
_pdbx_struct_assembly.id                   1 
_pdbx_struct_assembly.details              author_and_software_defined_assembly 
_pdbx_struct_assembly.method_details       PQS 
_pdbx_struct_assembly.oligomeric_details   dimeric 
_pdbx_struct_assembly.oligomeric_count     2 
# 
_pdbx_struct_assembly_gen.assembly_id       1 
_pdbx_struct_assembly_gen.oper_expression   1 
_pdbx_struct_assembly_gen.asym_id_list      A,B,C 
# 
_pdbx_struct_oper_list.id                   1 
_pdbx_struct_oper_list.type                 'identity operation' 
_pdbx_struct_oper_list.name                 1_555 
_pdbx_struct_oper_list.symmetry_operation   x,y,z 
_pdbx_struct_oper_list.matrix[1][1]         1.0000000000 
_pdbx_struct_oper_list.matrix[1][2]         0.0000000000 
_pdbx_struct_oper_list.matrix[1][3]         0.0000000000 
_pdbx_struct_oper_list.vector[1]            0.0000000000 
_pdbx_struct_oper_list.matrix[2][1]         0.0000000000 
_pdbx_struct_oper_list.matrix[2][2]         1.0000000000 
_pdbx_struct_oper_list.matrix[2][3]         0.0000000000 
_pdbx_struct_oper_list.vector[2]            0.0000000000 
_pdbx_struct_oper_list.matrix[3][1]         0.0000000000 
_pdbx_struct_oper_list.matrix[3][2]         0.0000000000 
_pdbx_struct_oper_list.matrix[3][3]         1.0000000000 
_pdbx_struct_oper_list.vector[3]            0.0000000000 
# 
_struct_biol.id   1 
# 
loop_
_struct_conn.id 
_struct_conn.conn_type_id 
_struct_conn.pdbx_leaving_atom_flag 
_struct_conn.pdbx_PDB_id 
_struct_conn.ptnr1_label_asym_id 
_struct_conn.ptnr1_label_comp_id 
_struct_conn.ptnr1_label_seq_id 
_struct_conn.ptnr1_label_atom_id 
_struct_conn.pdbx_ptnr1_label_alt_id 
_struct_conn.pdbx_ptnr1_PDB_ins_code 
_struct_conn.pdbx_ptnr1_standard_comp_id 
_struct_conn.ptnr1_symmetry 
_struct_conn.ptnr2_label_asym_id 
_struct_conn.ptnr2_label_comp_id 
_struct_conn.ptnr2_label_seq_id 
_struct_conn.ptnr2_label_atom_id 
_struct_conn.pdbx_ptnr2_label_alt_id 
_struct_conn.pdbx_ptnr2_PDB_ins_code 
_struct_conn.ptnr1_auth_asym_id 
_struct_conn.ptnr1_auth_comp_id 
_struct_conn.ptnr1_auth_seq_id 
_struct_conn.ptnr2_auth_asym_id 
_struct_conn.ptnr2_auth_comp_id 
_struct_conn.ptnr2_auth_seq_id 
_struct_conn.ptnr2_symmetry 
_struct_conn.pdbx_ptnr3_label_atom_id 
_struct_conn.pdbx_ptnr3_label_seq_id 
_struct_conn.pdbx_ptnr3_label_comp_id 
_struct_conn.pdbx_ptnr3_label_asym_id 
_struct_conn.pdbx_ptnr3_label_alt_id 
_struct_conn.pdbx_ptnr3_PDB_ins_code 
_struct_conn.details 
_struct_conn.pdbx_dist_value 
_struct_conn.pdbx_value_order 
_struct_conn.pdbx_role 
hydrog1  hydrog ? ? A DA 1 N1 ? ? ? 1_555 B DT 6 N3 ? ? A DA 1 B DT 12 1_555 ? ? ? ? ? ? WATSON-CRICK ? ? ? 
hydrog2  hydrog ? ? A DA 1 N6 ? ? ? 1_555 B DT 6 O4 ? ? A DA 1 B DT 12 1_555 ? ? ? ? ? ? WATSON-CRICK ? ? ? 
hydrog3  hydrog ? ? A DT 2 N3 ? ? ? 1_555 B DA 5 N1 ? ? A DT 2 B DA 11 1_555 ? ? ? ? ? ? WATSON-CRICK ? ? ? 
hydrog4  hydrog ? ? A DT 2 O4 ? ? ? 1_555 B DA 5 N6 ? ? A DT 2 B DA 11 1_555 ? ? ? ? ? ? WATSON-CRICK ? ? ? 
hydrog5  hydrog ? ? A DG 3 N1 ? ? ? 1_555 B DC 4 N3 ? ? A DG 3 B DC 10 1_555 ? ? ? ? ? ? WATSON-CRICK ? ? ? 
hydrog6  hydrog ? ? A DG 3 N2 ? ? ? 1_555 B DC 4 O2 ? ? A DG 3 B DC 10 1_555 ? ? ? ? ? ? WATSON-CRICK ? ? ? 
hydrog7  hydrog ? ? A DG 3 O6 ? ? ? 1_555 B DC 4 N4 ? ? A DG 3 B DC 10 1_555 ? ? ? ? ? ? WATSON-CRICK ? ? ? 
hydrog8  hydrog ? ? A DC 4 N3 ? ? ? 1_555 B DG 3 N1 ? ? A DC 4 B DG 9  1_555 ? ? ? ? ? ? WATSON-CRICK ? ? ? 
hydrog9  hydrog ? ? A DC 4 N4 ? ? ? 1_555 B DG 3 O6 ? ? A DC 4 B DG 9  1_555 ? ? ? ? ? ? WATSON-CRICK ? ? ? 
hydrog10 hydrog ? ? A DC 4 O2 ? ? ? 1_555 B DG 3 N2 ? ? A DC 4 B DG 9  1_555 ? ? ? ? ? ? WATSON-CRICK ? ? ? 
hydrog11 hydrog ? ? A DA 5 N1 ? ? ? 1_555 B DT 2 N3 ? ? A DA 5 B DT 8  1_555 ? ? ? ? ? ? WATSON-CRICK ? ? ? 
hydrog12 hydrog ? ? A DA 5 N6 ? ? ? 1_555 B DT 2 O4 ? ? A DA 5 B DT 8  1_555 ? ? ? ? ? ? WATSON-CRICK ? ? ? 
hydrog13 hydrog ? ? A DT 6 N3 ? ? ? 1_555 B DA 1 N1 ? ? A DT 6 B DA 7  1_555 ? ? ? ? ? ? WATSON-CRICK ? ? ? 
hydrog14 hydrog ? ? A DT 6 O4 ? ? ? 1_555 B DA 1 N6 ? ? A DT 6 B DA 7  1_555 ? ? ? ? ? ? WATSON-CRICK ? ? ? 
# 
_struct_conn_type.id          hydrog 
_struct_conn_type.criteria    ? 
_struct_conn_type.reference   ? 
# 
_struct_site.id                   AC1 
_struct_site.pdbx_evidence_code   Software 
_struct_site.pdbx_auth_asym_id    A 
_struct_site.pdbx_auth_comp_id    XR2 
_struct_site.pdbx_auth_seq_id     13 
_struct_site.pdbx_auth_ins_code   ? 
_struct_site.pdbx_num_residues    8 
_struct_site.details              'BINDING SITE FOR RESIDUE XR2 A 13' 
# 
loop_
_struct_site_gen.id 
_struct_site_gen.site_id 
_struct_site_gen.pdbx_num_res 
_struct_site_gen.label_comp_id 
_struct_site_gen.label_asym_id 
_struct_site_gen.label_seq_id 
_struct_site_gen.pdbx_auth_ins_code 
_struct_site_gen.auth_comp_id 
_struct_site_gen.auth_asym_id 
_struct_site_gen.auth_seq_id 
_struct_site_gen.label_atom_id 
_struct_site_gen.label_alt_id 
_struct_site_gen.symmetry 
_struct_site_gen.details 
1 AC1 8 DT A 2 ? DT A 2  . ? 1_555 ? 
2 AC1 8 DG A 3 ? DG A 3  . ? 1_555 ? 
3 AC1 8 DC A 4 ? DC A 4  . ? 1_555 ? 
4 AC1 8 DA A 5 ? DA A 5  . ? 1_555 ? 
5 AC1 8 DT B 2 ? DT B 8  . ? 1_555 ? 
6 AC1 8 DG B 3 ? DG B 9  . ? 1_555 ? 
7 AC1 8 DC B 4 ? DC B 10 . ? 1_555 ? 
8 AC1 8 DA B 5 ? DA B 11 . ? 1_555 ? 
# 
loop_
_pdbx_validate_rmsd_angle.id 
_pdbx_validate_rmsd_angle.PDB_model_num 
_pdbx_validate_rmsd_angle.auth_atom_id_1 
_pdbx_validate_rmsd_angle.auth_asym_id_1 
_pdbx_validate_rmsd_angle.auth_comp_id_1 
_pdbx_validate_rmsd_angle.auth_seq_id_1 
_pdbx_validate_rmsd_angle.PDB_ins_code_1 
_pdbx_validate_rmsd_angle.label_alt_id_1 
_pdbx_validate_rmsd_angle.auth_atom_id_2 
_pdbx_validate_rmsd_angle.auth_asym_id_2 
_pdbx_validate_rmsd_angle.auth_comp_id_2 
_pdbx_validate_rmsd_angle.auth_seq_id_2 
_pdbx_validate_rmsd_angle.PDB_ins_code_2 
_pdbx_validate_rmsd_angle.label_alt_id_2 
_pdbx_validate_rmsd_angle.auth_atom_id_3 
_pdbx_validate_rmsd_angle.auth_asym_id_3 
_pdbx_validate_rmsd_angle.auth_comp_id_3 
_pdbx_validate_rmsd_angle.auth_seq_id_3 
_pdbx_validate_rmsd_angle.PDB_ins_code_3 
_pdbx_validate_rmsd_angle.label_alt_id_3 
_pdbx_validate_rmsd_angle.angle_value 
_pdbx_validate_rmsd_angle.angle_target_value 
_pdbx_validate_rmsd_angle.angle_deviation 
_pdbx_validate_rmsd_angle.angle_standard_deviation 
_pdbx_validate_rmsd_angle.linker_flag 
1  1 "O4'" A DA 1  ? ? "C1'" A DA 1  ? ? N9 A DA 1  ? ? 110.24 108.30 1.94  0.30 N 
2  1 C4    A DA 1  ? ? C5    A DA 1  ? ? C6 A DA 1  ? ? 113.30 117.00 -3.70 0.50 N 
3  1 C5    A DA 1  ? ? C6    A DA 1  ? ? N1 A DA 1  ? ? 121.35 117.70 3.65  0.50 N 
4  1 N1    A DA 1  ? ? C6    A DA 1  ? ? N6 A DA 1  ? ? 113.41 118.60 -5.19 0.60 N 
5  1 "O4'" A DG 3  ? ? "C1'" A DG 3  ? ? N9 A DG 3  ? ? 110.73 108.30 2.43  0.30 N 
6  1 "O4'" A DC 4  ? ? "C1'" A DC 4  ? ? N1 A DC 4  ? ? 110.11 108.30 1.81  0.30 N 
7  1 "O4'" A DA 5  ? ? "C1'" A DA 5  ? ? N9 A DA 5  ? ? 110.52 108.30 2.22  0.30 N 
8  1 C4    A DA 5  ? ? C5    A DA 5  ? ? C6 A DA 5  ? ? 113.37 117.00 -3.63 0.50 N 
9  1 C5    A DA 5  ? ? C6    A DA 5  ? ? N1 A DA 5  ? ? 121.09 117.70 3.39  0.50 N 
10 1 N1    A DA 5  ? ? C6    A DA 5  ? ? N6 A DA 5  ? ? 113.16 118.60 -5.44 0.60 N 
11 1 C6    A DT 6  ? ? C5    A DT 6  ? ? C7 A DT 6  ? ? 119.30 122.90 -3.60 0.60 N 
12 1 "O4'" B DA 7  ? ? "C1'" B DA 7  ? ? N9 B DA 7  ? ? 110.19 108.30 1.89  0.30 N 
13 1 C4    B DA 7  ? ? C5    B DA 7  ? ? C6 B DA 7  ? ? 113.56 117.00 -3.44 0.50 N 
14 1 C5    B DA 7  ? ? C6    B DA 7  ? ? N1 B DA 7  ? ? 121.23 117.70 3.53  0.50 N 
15 1 N1    B DA 7  ? ? C6    B DA 7  ? ? N6 B DA 7  ? ? 113.07 118.60 -5.53 0.60 N 
16 1 "O4'" B DT 8  ? ? "C1'" B DT 8  ? ? N1 B DT 8  ? ? 110.64 108.30 2.34  0.30 N 
17 1 "O4'" B DG 9  ? ? "C1'" B DG 9  ? ? N9 B DG 9  ? ? 110.86 108.30 2.56  0.30 N 
18 1 N3    B DC 10 ? ? C4    B DC 10 ? ? C5 B DC 10 ? ? 124.41 121.90 2.51  0.40 N 
19 1 N3    B DC 10 ? ? C2    B DC 10 ? ? O2 B DC 10 ? ? 117.52 121.90 -4.38 0.70 N 
20 1 "O4'" B DA 11 ? ? "C1'" B DA 11 ? ? N9 B DA 11 ? ? 111.09 108.30 2.79  0.30 N 
21 1 C5    B DA 11 ? ? C6    B DA 11 ? ? N1 B DA 11 ? ? 121.06 117.70 3.36  0.50 N 
22 1 N1    B DA 11 ? ? C6    B DA 11 ? ? N6 B DA 11 ? ? 114.23 118.60 -4.37 0.60 N 
23 1 "O4'" B DT 12 ? ? "C1'" B DT 12 ? ? N1 B DT 12 ? ? 112.03 108.30 3.73  0.30 N 
24 1 C6    B DT 12 ? ? C5    B DT 12 ? ? C7 B DT 12 ? ? 119.29 122.90 -3.61 0.60 N 
# 
loop_
_pdbx_validate_planes.id 
_pdbx_validate_planes.PDB_model_num 
_pdbx_validate_planes.auth_comp_id 
_pdbx_validate_planes.auth_asym_id 
_pdbx_validate_planes.auth_seq_id 
_pdbx_validate_planes.PDB_ins_code 
_pdbx_validate_planes.label_alt_id 
_pdbx_validate_planes.rmsd 
_pdbx_validate_planes.type 
1 1 DA A 5 ? ? 0.075 'SIDE CHAIN' 
2 1 DT B 8 ? ? 0.074 'SIDE CHAIN' 
# 
_pdbx_nmr_ensemble.entry_id                             4BZT 
_pdbx_nmr_ensemble.conformers_calculated_total_number   1 
_pdbx_nmr_ensemble.conformers_submitted_total_number    1 
_pdbx_nmr_ensemble.conformer_selection_criteria         'DISTANCE RESTRAINTS' 
# 
_pdbx_nmr_sample_details.solution_id   1 
_pdbx_nmr_sample_details.contents      '10% WATER/90% D2O' 
# 
_pdbx_nmr_exptl_sample_conditions.conditions_id          1 
_pdbx_nmr_exptl_sample_conditions.temperature            288.0 
_pdbx_nmr_exptl_sample_conditions.pressure_units         atm 
_pdbx_nmr_exptl_sample_conditions.pressure               1.0 
_pdbx_nmr_exptl_sample_conditions.pH                     5.0 
_pdbx_nmr_exptl_sample_conditions.ionic_strength         80 
_pdbx_nmr_exptl_sample_conditions.ionic_strength_units   mM 
_pdbx_nmr_exptl_sample_conditions.pH_units               pH 
_pdbx_nmr_exptl_sample_conditions.temperature_units      K 
# 
loop_
_pdbx_nmr_exptl.experiment_id 
_pdbx_nmr_exptl.conditions_id 
_pdbx_nmr_exptl.type 
_pdbx_nmr_exptl.solution_id 
1 1 NOESY      1 
2 1 COSY       1 
3 1 TOCSY      1 
4 1 '31P HSQC' 1 
5 1 '15N HSQC' 1 
# 
_pdbx_nmr_details.entry_id   4BZT 
_pdbx_nmr_details.text       NONE 
# 
_pdbx_nmr_refine.entry_id           4BZT 
_pdbx_nmr_refine.method             AMBER 
_pdbx_nmr_refine.details            ? 
_pdbx_nmr_refine.software_ordinal   1 
# 
loop_
_pdbx_nmr_software.classification 
_pdbx_nmr_software.name 
_pdbx_nmr_software.version 
_pdbx_nmr_software.authors 
_pdbx_nmr_software.ordinal 
refinement           Amber   ?   D.A.CASE,ET.AL. 1 
'structure solution' TopSpin 3.1 ?               2 
# 
loop_
_chem_comp_atom.comp_id 
_chem_comp_atom.atom_id 
_chem_comp_atom.type_symbol 
_chem_comp_atom.pdbx_aromatic_flag 
_chem_comp_atom.pdbx_stereo_config 
_chem_comp_atom.pdbx_ordinal 
DA  OP3    O N N 1   
DA  P      P N N 2   
DA  OP1    O N N 3   
DA  OP2    O N N 4   
DA  "O5'"  O N N 5   
DA  "C5'"  C N N 6   
DA  "C4'"  C N R 7   
DA  "O4'"  O N N 8   
DA  "C3'"  C N S 9   
DA  "O3'"  O N N 10  
DA  "C2'"  C N N 11  
DA  "C1'"  C N R 12  
DA  N9     N Y N 13  
DA  C8     C Y N 14  
DA  N7     N Y N 15  
DA  C5     C Y N 16  
DA  C6     C Y N 17  
DA  N6     N N N 18  
DA  N1     N Y N 19  
DA  C2     C Y N 20  
DA  N3     N Y N 21  
DA  C4     C Y N 22  
DA  HOP3   H N N 23  
DA  HOP2   H N N 24  
DA  "H5'"  H N N 25  
DA  "H5''" H N N 26  
DA  "H4'"  H N N 27  
DA  "H3'"  H N N 28  
DA  "HO3'" H N N 29  
DA  "H2'"  H N N 30  
DA  "H2''" H N N 31  
DA  "H1'"  H N N 32  
DA  H8     H N N 33  
DA  H61    H N N 34  
DA  H62    H N N 35  
DA  H2     H N N 36  
DC  OP3    O N N 37  
DC  P      P N N 38  
DC  OP1    O N N 39  
DC  OP2    O N N 40  
DC  "O5'"  O N N 41  
DC  "C5'"  C N N 42  
DC  "C4'"  C N R 43  
DC  "O4'"  O N N 44  
DC  "C3'"  C N S 45  
DC  "O3'"  O N N 46  
DC  "C2'"  C N N 47  
DC  "C1'"  C N R 48  
DC  N1     N N N 49  
DC  C2     C N N 50  
DC  O2     O N N 51  
DC  N3     N N N 52  
DC  C4     C N N 53  
DC  N4     N N N 54  
DC  C5     C N N 55  
DC  C6     C N N 56  
DC  HOP3   H N N 57  
DC  HOP2   H N N 58  
DC  "H5'"  H N N 59  
DC  "H5''" H N N 60  
DC  "H4'"  H N N 61  
DC  "H3'"  H N N 62  
DC  "HO3'" H N N 63  
DC  "H2'"  H N N 64  
DC  "H2''" H N N 65  
DC  "H1'"  H N N 66  
DC  H41    H N N 67  
DC  H42    H N N 68  
DC  H5     H N N 69  
DC  H6     H N N 70  
DG  OP3    O N N 71  
DG  P      P N N 72  
DG  OP1    O N N 73  
DG  OP2    O N N 74  
DG  "O5'"  O N N 75  
DG  "C5'"  C N N 76  
DG  "C4'"  C N R 77  
DG  "O4'"  O N N 78  
DG  "C3'"  C N S 79  
DG  "O3'"  O N N 80  
DG  "C2'"  C N N 81  
DG  "C1'"  C N R 82  
DG  N9     N Y N 83  
DG  C8     C Y N 84  
DG  N7     N Y N 85  
DG  C5     C Y N 86  
DG  C6     C N N 87  
DG  O6     O N N 88  
DG  N1     N N N 89  
DG  C2     C N N 90  
DG  N2     N N N 91  
DG  N3     N N N 92  
DG  C4     C Y N 93  
DG  HOP3   H N N 94  
DG  HOP2   H N N 95  
DG  "H5'"  H N N 96  
DG  "H5''" H N N 97  
DG  "H4'"  H N N 98  
DG  "H3'"  H N N 99  
DG  "HO3'" H N N 100 
DG  "H2'"  H N N 101 
DG  "H2''" H N N 102 
DG  "H1'"  H N N 103 
DG  H8     H N N 104 
DG  H1     H N N 105 
DG  H21    H N N 106 
DG  H22    H N N 107 
DT  OP3    O N N 108 
DT  P      P N N 109 
DT  OP1    O N N 110 
DT  OP2    O N N 111 
DT  "O5'"  O N N 112 
DT  "C5'"  C N N 113 
DT  "C4'"  C N R 114 
DT  "O4'"  O N N 115 
DT  "C3'"  C N S 116 
DT  "O3'"  O N N 117 
DT  "C2'"  C N N 118 
DT  "C1'"  C N R 119 
DT  N1     N N N 120 
DT  C2     C N N 121 
DT  O2     O N N 122 
DT  N3     N N N 123 
DT  C4     C N N 124 
DT  O4     O N N 125 
DT  C5     C N N 126 
DT  C7     C N N 127 
DT  C6     C N N 128 
DT  HOP3   H N N 129 
DT  HOP2   H N N 130 
DT  "H5'"  H N N 131 
DT  "H5''" H N N 132 
DT  "H4'"  H N N 133 
DT  "H3'"  H N N 134 
DT  "HO3'" H N N 135 
DT  "H2'"  H N N 136 
DT  "H2''" H N N 137 
DT  "H1'"  H N N 138 
DT  H3     H N N 139 
DT  H71    H N N 140 
DT  H72    H N N 141 
DT  H73    H N N 142 
DT  H6     H N N 143 
XR2 C1     C Y N 144 
XR2 C2     C Y N 145 
XR2 C3     C Y N 146 
XR2 C4     C Y N 147 
XR2 C12    C Y N 148 
XR2 C11    C Y N 149 
XR2 N5     N Y N 150 
XR2 N10    N Y N 151 
XR2 C13    C Y N 152 
XR2 C14    C Y N 153 
XR2 C6     C Y N 154 
XR2 C7     C Y N 155 
XR2 C8     C Y N 156 
XR2 C9     C Y N 157 
XR2 C9A    C N N 158 
XR2 C      C N N 159 
XR2 O      O N N 160 
XR2 N      N N N 161 
XR2 CA     C N N 162 
XR2 CB     C N N 163 
XR2 NG     N N N 164 
XR2 CD     C N N 165 
XR2 "N'"   N N N 166 
XR2 "C'"   C N N 167 
XR2 "O'"   O N N 168 
XR2 "C1'"  C Y N 169 
XR2 "C2'"  C Y N 170 
XR2 "C3'"  C Y N 171 
XR2 "C4'"  C Y N 172 
XR2 CCX    C Y N 173 
XR2 "N5'"  N Y N 174 
XR2 CDX    C Y N 175 
XR2 CEX    C Y N 176 
XR2 NAX    N Y N 177 
XR2 CBX    C Y N 178 
XR2 "C9'"  C Y N 179 
XR2 "C8'"  C Y N 180 
XR2 "C7'"  C Y N 181 
XR2 "C6'"  C Y N 182 
XR2 C9X    C N N 183 
XR2 "CA'"  C N N 184 
XR2 "CB'"  C N N 185 
XR2 "NG'"  N N N 186 
XR2 "CD'"  C N N 187 
XR2 H2     H N N 188 
XR2 H3     H N N 189 
XR2 H4     H N N 190 
XR2 H10    H N N 191 
XR2 H6     H N N 192 
XR2 H7     H N N 193 
XR2 H8     H N N 194 
XR2 H91    H N N 195 
XR2 H92    H N N 196 
XR2 H93    H N N 197 
XR2 HN     H N N 198 
XR2 HA1    H N N 199 
XR2 HA2    H N N 200 
XR2 HB1    H N N 201 
XR2 HB2    H N N 202 
XR2 HG1    H N N 203 
XR2 HG2    H N N 204 
XR2 HD1    H N N 205 
XR2 HD2    H N N 206 
XR2 "HN'"  H N N 207 
XR2 "H2'"  H N N 208 
XR2 "H3'"  H N N 209 
XR2 "H4'"  H N N 210 
XR2 "H10'" H N N 211 
XR2 "H8'"  H N N 212 
XR2 "H7'"  H N N 213 
XR2 "H6'"  H N N 214 
XR2 "H91'" H N N 215 
XR2 "H92'" H N N 216 
XR2 "H93'" H N N 217 
XR2 "HA1'" H N N 218 
XR2 "HA2'" H N N 219 
XR2 "HB1'" H N N 220 
XR2 "HB2'" H N N 221 
XR2 "HG1'" H N N 222 
XR2 "HG2'" H N N 223 
XR2 "HD1'" H N N 224 
XR2 "HD2'" H N N 225 
# 
loop_
_chem_comp_bond.comp_id 
_chem_comp_bond.atom_id_1 
_chem_comp_bond.atom_id_2 
_chem_comp_bond.value_order 
_chem_comp_bond.pdbx_aromatic_flag 
_chem_comp_bond.pdbx_stereo_config 
_chem_comp_bond.pdbx_ordinal 
DA  OP3   P      sing N N 1   
DA  OP3   HOP3   sing N N 2   
DA  P     OP1    doub N N 3   
DA  P     OP2    sing N N 4   
DA  P     "O5'"  sing N N 5   
DA  OP2   HOP2   sing N N 6   
DA  "O5'" "C5'"  sing N N 7   
DA  "C5'" "C4'"  sing N N 8   
DA  "C5'" "H5'"  sing N N 9   
DA  "C5'" "H5''" sing N N 10  
DA  "C4'" "O4'"  sing N N 11  
DA  "C4'" "C3'"  sing N N 12  
DA  "C4'" "H4'"  sing N N 13  
DA  "O4'" "C1'"  sing N N 14  
DA  "C3'" "O3'"  sing N N 15  
DA  "C3'" "C2'"  sing N N 16  
DA  "C3'" "H3'"  sing N N 17  
DA  "O3'" "HO3'" sing N N 18  
DA  "C2'" "C1'"  sing N N 19  
DA  "C2'" "H2'"  sing N N 20  
DA  "C2'" "H2''" sing N N 21  
DA  "C1'" N9     sing N N 22  
DA  "C1'" "H1'"  sing N N 23  
DA  N9    C8     sing Y N 24  
DA  N9    C4     sing Y N 25  
DA  C8    N7     doub Y N 26  
DA  C8    H8     sing N N 27  
DA  N7    C5     sing Y N 28  
DA  C5    C6     sing Y N 29  
DA  C5    C4     doub Y N 30  
DA  C6    N6     sing N N 31  
DA  C6    N1     doub Y N 32  
DA  N6    H61    sing N N 33  
DA  N6    H62    sing N N 34  
DA  N1    C2     sing Y N 35  
DA  C2    N3     doub Y N 36  
DA  C2    H2     sing N N 37  
DA  N3    C4     sing Y N 38  
DC  OP3   P      sing N N 39  
DC  OP3   HOP3   sing N N 40  
DC  P     OP1    doub N N 41  
DC  P     OP2    sing N N 42  
DC  P     "O5'"  sing N N 43  
DC  OP2   HOP2   sing N N 44  
DC  "O5'" "C5'"  sing N N 45  
DC  "C5'" "C4'"  sing N N 46  
DC  "C5'" "H5'"  sing N N 47  
DC  "C5'" "H5''" sing N N 48  
DC  "C4'" "O4'"  sing N N 49  
DC  "C4'" "C3'"  sing N N 50  
DC  "C4'" "H4'"  sing N N 51  
DC  "O4'" "C1'"  sing N N 52  
DC  "C3'" "O3'"  sing N N 53  
DC  "C3'" "C2'"  sing N N 54  
DC  "C3'" "H3'"  sing N N 55  
DC  "O3'" "HO3'" sing N N 56  
DC  "C2'" "C1'"  sing N N 57  
DC  "C2'" "H2'"  sing N N 58  
DC  "C2'" "H2''" sing N N 59  
DC  "C1'" N1     sing N N 60  
DC  "C1'" "H1'"  sing N N 61  
DC  N1    C2     sing N N 62  
DC  N1    C6     sing N N 63  
DC  C2    O2     doub N N 64  
DC  C2    N3     sing N N 65  
DC  N3    C4     doub N N 66  
DC  C4    N4     sing N N 67  
DC  C4    C5     sing N N 68  
DC  N4    H41    sing N N 69  
DC  N4    H42    sing N N 70  
DC  C5    C6     doub N N 71  
DC  C5    H5     sing N N 72  
DC  C6    H6     sing N N 73  
DG  OP3   P      sing N N 74  
DG  OP3   HOP3   sing N N 75  
DG  P     OP1    doub N N 76  
DG  P     OP2    sing N N 77  
DG  P     "O5'"  sing N N 78  
DG  OP2   HOP2   sing N N 79  
DG  "O5'" "C5'"  sing N N 80  
DG  "C5'" "C4'"  sing N N 81  
DG  "C5'" "H5'"  sing N N 82  
DG  "C5'" "H5''" sing N N 83  
DG  "C4'" "O4'"  sing N N 84  
DG  "C4'" "C3'"  sing N N 85  
DG  "C4'" "H4'"  sing N N 86  
DG  "O4'" "C1'"  sing N N 87  
DG  "C3'" "O3'"  sing N N 88  
DG  "C3'" "C2'"  sing N N 89  
DG  "C3'" "H3'"  sing N N 90  
DG  "O3'" "HO3'" sing N N 91  
DG  "C2'" "C1'"  sing N N 92  
DG  "C2'" "H2'"  sing N N 93  
DG  "C2'" "H2''" sing N N 94  
DG  "C1'" N9     sing N N 95  
DG  "C1'" "H1'"  sing N N 96  
DG  N9    C8     sing Y N 97  
DG  N9    C4     sing Y N 98  
DG  C8    N7     doub Y N 99  
DG  C8    H8     sing N N 100 
DG  N7    C5     sing Y N 101 
DG  C5    C6     sing N N 102 
DG  C5    C4     doub Y N 103 
DG  C6    O6     doub N N 104 
DG  C6    N1     sing N N 105 
DG  N1    C2     sing N N 106 
DG  N1    H1     sing N N 107 
DG  C2    N2     sing N N 108 
DG  C2    N3     doub N N 109 
DG  N2    H21    sing N N 110 
DG  N2    H22    sing N N 111 
DG  N3    C4     sing N N 112 
DT  OP3   P      sing N N 113 
DT  OP3   HOP3   sing N N 114 
DT  P     OP1    doub N N 115 
DT  P     OP2    sing N N 116 
DT  P     "O5'"  sing N N 117 
DT  OP2   HOP2   sing N N 118 
DT  "O5'" "C5'"  sing N N 119 
DT  "C5'" "C4'"  sing N N 120 
DT  "C5'" "H5'"  sing N N 121 
DT  "C5'" "H5''" sing N N 122 
DT  "C4'" "O4'"  sing N N 123 
DT  "C4'" "C3'"  sing N N 124 
DT  "C4'" "H4'"  sing N N 125 
DT  "O4'" "C1'"  sing N N 126 
DT  "C3'" "O3'"  sing N N 127 
DT  "C3'" "C2'"  sing N N 128 
DT  "C3'" "H3'"  sing N N 129 
DT  "O3'" "HO3'" sing N N 130 
DT  "C2'" "C1'"  sing N N 131 
DT  "C2'" "H2'"  sing N N 132 
DT  "C2'" "H2''" sing N N 133 
DT  "C1'" N1     sing N N 134 
DT  "C1'" "H1'"  sing N N 135 
DT  N1    C2     sing N N 136 
DT  N1    C6     sing N N 137 
DT  C2    O2     doub N N 138 
DT  C2    N3     sing N N 139 
DT  N3    C4     sing N N 140 
DT  N3    H3     sing N N 141 
DT  C4    O4     doub N N 142 
DT  C4    C5     sing N N 143 
DT  C5    C7     sing N N 144 
DT  C5    C6     doub N N 145 
DT  C7    H71    sing N N 146 
DT  C7    H72    sing N N 147 
DT  C7    H73    sing N N 148 
DT  C6    H6     sing N N 149 
XR2 C1    C2     doub Y N 150 
XR2 C1    C11    sing Y N 151 
XR2 C1    C      sing N N 152 
XR2 C2    C3     sing Y N 153 
XR2 C2    H2     sing N N 154 
XR2 C3    C4     doub Y N 155 
XR2 C3    H3     sing N N 156 
XR2 C4    C12    sing Y N 157 
XR2 C4    H4     sing N N 158 
XR2 C12   C11    sing Y N 159 
XR2 C12   N5     doub Y N 160 
XR2 C11   N10    doub Y N 161 
XR2 N5    C13    sing Y N 162 
XR2 N10   C14    sing Y N 163 
XR2 N10   H10    sing N N 164 
XR2 C13   C14    doub Y N 165 
XR2 C13   C6     sing Y N 166 
XR2 C14   C9     sing Y N 167 
XR2 C6    C7     doub Y N 168 
XR2 C6    H6     sing N N 169 
XR2 C7    C8     sing Y N 170 
XR2 C7    H7     sing N N 171 
XR2 C8    C9     doub Y N 172 
XR2 C8    H8     sing N N 173 
XR2 C9    C9A    sing N N 174 
XR2 C9A   H91    sing N N 175 
XR2 C9A   H92    sing N N 176 
XR2 C9A   H93    sing N N 177 
XR2 C     O      doub N N 178 
XR2 C     N      sing N N 179 
XR2 N     CA     sing N N 180 
XR2 N     HN     sing N N 181 
XR2 CA    CB     sing N N 182 
XR2 CA    HA1    sing N N 183 
XR2 CA    HA2    sing N N 184 
XR2 CB    NG     sing N N 185 
XR2 CB    HB1    sing N N 186 
XR2 CB    HB2    sing N N 187 
XR2 NG    CD     sing N N 188 
XR2 NG    HG1    sing N N 189 
XR2 NG    HG2    sing N N 190 
XR2 CD    "CD'"  sing N N 191 
XR2 CD    HD1    sing N N 192 
XR2 CD    HD2    sing N N 193 
XR2 "N'"  "C'"   sing N N 194 
XR2 "N'"  "CA'"  sing N N 195 
XR2 "N'"  "HN'"  sing N N 196 
XR2 "C'"  "O'"   doub N N 197 
XR2 "C'"  "C1'"  sing N N 198 
XR2 "C1'" "C2'"  doub Y N 199 
XR2 "C1'" CBX    sing Y N 200 
XR2 "C2'" "C3'"  sing Y N 201 
XR2 "C2'" "H2'"  sing N N 202 
XR2 "C3'" "C4'"  doub Y N 203 
XR2 "C3'" "H3'"  sing N N 204 
XR2 "C4'" CCX    sing Y N 205 
XR2 "C4'" "H4'"  sing N N 206 
XR2 CCX   "N5'"  doub Y N 207 
XR2 CCX   CBX    sing Y N 208 
XR2 "N5'" CDX    sing Y N 209 
XR2 CDX   CEX    doub Y N 210 
XR2 CDX   "C6'"  sing Y N 211 
XR2 CEX   NAX    sing Y N 212 
XR2 CEX   "C9'"  sing Y N 213 
XR2 NAX   CBX    doub Y N 214 
XR2 NAX   "H10'" sing N N 215 
XR2 "C9'" "C8'"  doub Y N 216 
XR2 "C9'" C9X    sing N N 217 
XR2 "C8'" "C7'"  sing Y N 218 
XR2 "C8'" "H8'"  sing N N 219 
XR2 "C7'" "C6'"  doub Y N 220 
XR2 "C7'" "H7'"  sing N N 221 
XR2 "C6'" "H6'"  sing N N 222 
XR2 C9X   "H91'" sing N N 223 
XR2 C9X   "H92'" sing N N 224 
XR2 C9X   "H93'" sing N N 225 
XR2 "CA'" "CB'"  sing N N 226 
XR2 "CA'" "HA1'" sing N N 227 
XR2 "CA'" "HA2'" sing N N 228 
XR2 "CB'" "NG'"  sing N N 229 
XR2 "CB'" "HB1'" sing N N 230 
XR2 "CB'" "HB2'" sing N N 231 
XR2 "NG'" "CD'"  sing N N 232 
XR2 "NG'" "HG1'" sing N N 233 
XR2 "NG'" "HG2'" sing N N 234 
XR2 "CD'" "HD1'" sing N N 235 
XR2 "CD'" "HD2'" sing N N 236 
# 
_ndb_struct_conf_na.entry_id   4BZT 
_ndb_struct_conf_na.feature    'double helix' 
# 
loop_
_ndb_struct_na_base_pair.model_number 
_ndb_struct_na_base_pair.i_label_asym_id 
_ndb_struct_na_base_pair.i_label_comp_id 
_ndb_struct_na_base_pair.i_label_seq_id 
_ndb_struct_na_base_pair.i_symmetry 
_ndb_struct_na_base_pair.j_label_asym_id 
_ndb_struct_na_base_pair.j_label_comp_id 
_ndb_struct_na_base_pair.j_label_seq_id 
_ndb_struct_na_base_pair.j_symmetry 
_ndb_struct_na_base_pair.shear 
_ndb_struct_na_base_pair.stretch 
_ndb_struct_na_base_pair.stagger 
_ndb_struct_na_base_pair.buckle 
_ndb_struct_na_base_pair.propeller 
_ndb_struct_na_base_pair.opening 
_ndb_struct_na_base_pair.pair_number 
_ndb_struct_na_base_pair.pair_name 
_ndb_struct_na_base_pair.i_auth_asym_id 
_ndb_struct_na_base_pair.i_auth_seq_id 
_ndb_struct_na_base_pair.i_PDB_ins_code 
_ndb_struct_na_base_pair.j_auth_asym_id 
_ndb_struct_na_base_pair.j_auth_seq_id 
_ndb_struct_na_base_pair.j_PDB_ins_code 
_ndb_struct_na_base_pair.hbond_type_28 
_ndb_struct_na_base_pair.hbond_type_12 
1 A DA 1 1_555 B DT 6 1_555 0.132  0.017  0.069 -5.135  -12.947 0.251  1 A_DA1:DT12_B A 1 ? B 12 ? 20 1 
1 A DT 2 1_555 B DA 5 1_555 -0.056 -0.028 0.143 -0.581  -11.392 -1.758 2 A_DT2:DA11_B A 2 ? B 11 ? 20 1 
1 A DG 3 1_555 B DC 4 1_555 -0.421 -0.098 0.388 5.788   -6.371  0.616  3 A_DG3:DC10_B A 3 ? B 10 ? 19 1 
1 A DC 4 1_555 B DG 3 1_555 0.489  -0.151 0.401 -5.088  -8.058  0.880  4 A_DC4:DG9_B  A 4 ? B 9  ? 19 1 
1 A DA 5 1_555 B DT 2 1_555 0.182  -0.043 0.440 -6.274  -21.292 -0.121 5 A_DA5:DT8_B  A 5 ? B 8  ? 20 1 
1 A DT 6 1_555 B DA 1 1_555 -0.353 0.027  0.541 -14.831 -20.871 -3.903 6 A_DT6:DA7_B  A 6 ? B 7  ? 20 1 
# 
loop_
_ndb_struct_na_base_pair_step.model_number 
_ndb_struct_na_base_pair_step.i_label_asym_id_1 
_ndb_struct_na_base_pair_step.i_label_comp_id_1 
_ndb_struct_na_base_pair_step.i_label_seq_id_1 
_ndb_struct_na_base_pair_step.i_symmetry_1 
_ndb_struct_na_base_pair_step.j_label_asym_id_1 
_ndb_struct_na_base_pair_step.j_label_comp_id_1 
_ndb_struct_na_base_pair_step.j_label_seq_id_1 
_ndb_struct_na_base_pair_step.j_symmetry_1 
_ndb_struct_na_base_pair_step.i_label_asym_id_2 
_ndb_struct_na_base_pair_step.i_label_comp_id_2 
_ndb_struct_na_base_pair_step.i_label_seq_id_2 
_ndb_struct_na_base_pair_step.i_symmetry_2 
_ndb_struct_na_base_pair_step.j_label_asym_id_2 
_ndb_struct_na_base_pair_step.j_label_comp_id_2 
_ndb_struct_na_base_pair_step.j_label_seq_id_2 
_ndb_struct_na_base_pair_step.j_symmetry_2 
_ndb_struct_na_base_pair_step.shift 
_ndb_struct_na_base_pair_step.slide 
_ndb_struct_na_base_pair_step.rise 
_ndb_struct_na_base_pair_step.tilt 
_ndb_struct_na_base_pair_step.roll 
_ndb_struct_na_base_pair_step.twist 
_ndb_struct_na_base_pair_step.x_displacement 
_ndb_struct_na_base_pair_step.y_displacement 
_ndb_struct_na_base_pair_step.helical_rise 
_ndb_struct_na_base_pair_step.inclination 
_ndb_struct_na_base_pair_step.tip 
_ndb_struct_na_base_pair_step.helical_twist 
_ndb_struct_na_base_pair_step.step_number 
_ndb_struct_na_base_pair_step.step_name 
_ndb_struct_na_base_pair_step.i_auth_asym_id_1 
_ndb_struct_na_base_pair_step.i_auth_seq_id_1 
_ndb_struct_na_base_pair_step.i_PDB_ins_code_1 
_ndb_struct_na_base_pair_step.j_auth_asym_id_1 
_ndb_struct_na_base_pair_step.j_auth_seq_id_1 
_ndb_struct_na_base_pair_step.j_PDB_ins_code_1 
_ndb_struct_na_base_pair_step.i_auth_asym_id_2 
_ndb_struct_na_base_pair_step.i_auth_seq_id_2 
_ndb_struct_na_base_pair_step.i_PDB_ins_code_2 
_ndb_struct_na_base_pair_step.j_auth_asym_id_2 
_ndb_struct_na_base_pair_step.j_auth_seq_id_2 
_ndb_struct_na_base_pair_step.j_PDB_ins_code_2 
1 A DA 1 1_555 B DT 6 1_555 A DT 2 1_555 B DA 5 1_555 -0.882 -1.568 3.235 -0.418 1.137  28.237 -3.470 1.711  3.183 2.330   0.856  
28.263 1 AA_DA1DT2:DA11DT12_BB A 1 ? B 12 ? A 2 ? B 11 ? 
1 A DT 2 1_555 B DA 5 1_555 A DG 3 1_555 B DC 4 1_555 0.404  0.133  6.497 -0.966 -7.539 17.577 7.992  -2.187 5.899 -23.306 2.986  
19.138 2 AA_DT2DG3:DC10DA11_BB A 2 ? B 11 ? A 3 ? B 10 ? 
1 A DG 3 1_555 B DC 4 1_555 A DC 4 1_555 B DG 3 1_555 0.058  1.414  3.577 0.127  -5.172 41.030 2.595  -0.067 3.382 -7.344  -0.180 
41.341 3 AA_DG3DC4:DG9DC10_BB  A 3 ? B 10 ? A 4 ? B 9  ? 
1 A DC 4 1_555 B DG 3 1_555 A DA 5 1_555 B DT 2 1_555 0.285  1.042  6.826 -1.580 -7.423 8.870  25.199 -5.672 4.493 -39.731 8.456  
11.668 4 AA_DC4DA5:DT8DG9_BB   A 4 ? B 9  ? A 5 ? B 8  ? 
1 A DA 5 1_555 B DT 2 1_555 A DT 6 1_555 B DA 1 1_555 -0.534 -1.766 3.467 -0.823 -4.581 33.112 -2.239 0.779  3.683 -7.988  1.436  
33.428 5 AA_DA5DT6:DA7DT8_BB   A 5 ? B 8  ? A 6 ? B 7  ? 
# 
_pdbx_nmr_spectrometer.spectrometer_id   1 
_pdbx_nmr_spectrometer.model             AVANCE 
_pdbx_nmr_spectrometer.manufacturer      Bruker 
_pdbx_nmr_spectrometer.field_strength    700 
# 
_atom_sites.entry_id                    4BZT 
_atom_sites.fract_transf_matrix[1][1]   1.000000 
_atom_sites.fract_transf_matrix[1][2]   0.000000 
_atom_sites.fract_transf_matrix[1][3]   0.000000 
_atom_sites.fract_transf_matrix[2][1]   0.000000 
_atom_sites.fract_transf_matrix[2][2]   1.000000 
_atom_sites.fract_transf_matrix[2][3]   0.000000 
_atom_sites.fract_transf_matrix[3][1]   0.000000 
_atom_sites.fract_transf_matrix[3][2]   0.000000 
_atom_sites.fract_transf_matrix[3][3]   1.000000 
_atom_sites.fract_transf_vector[1]      0.00000 
_atom_sites.fract_transf_vector[2]      0.00000 
_atom_sites.fract_transf_vector[3]      0.00000 
# 
loop_
_atom_type.symbol 
C 
H 
N 
O 
P 
# 
loop_
_atom_site.group_PDB 
_atom_site.id 
_atom_site.type_symbol 
_atom_site.label_atom_id 
_atom_site.label_alt_id 
_atom_site.label_comp_id 
_atom_site.label_asym_id 
_atom_site.label_entity_id 
_atom_site.label_seq_id 
_atom_site.pdbx_PDB_ins_code 
_atom_site.Cartn_x 
_atom_site.Cartn_y 
_atom_site.Cartn_z 
_atom_site.occupancy 
_atom_site.B_iso_or_equiv 
_atom_site.pdbx_formal_charge 
_atom_site.auth_seq_id 
_atom_site.auth_comp_id 
_atom_site.auth_asym_id 
_atom_site.auth_atom_id 
_atom_site.pdbx_PDB_model_num 
ATOM   1   O "O5'"  . DA  A 1 1 ? 3.519   -10.845 3.894   1.00 0.00 ? 1  DA  A "O5'"  1 
ATOM   2   C "C5'"  . DA  A 1 1 ? 2.285   -10.276 3.483   1.00 0.00 ? 1  DA  A "C5'"  1 
ATOM   3   C "C4'"  . DA  A 1 1 ? 1.445   -9.776  4.670   1.00 0.00 ? 1  DA  A "C4'"  1 
ATOM   4   O "O4'"  . DA  A 1 1 ? 2.125   -8.725  5.356   1.00 0.00 ? 1  DA  A "O4'"  1 
ATOM   5   C "C3'"  . DA  A 1 1 ? 0.109   -9.210  4.171   1.00 0.00 ? 1  DA  A "C3'"  1 
ATOM   6   O "O3'"  . DA  A 1 1 ? -0.971  -9.728  4.936   1.00 0.00 ? 1  DA  A "O3'"  1 
ATOM   7   C "C2'"  . DA  A 1 1 ? 0.276   -7.703  4.352   1.00 0.00 ? 1  DA  A "C2'"  1 
ATOM   8   C "C1'"  . DA  A 1 1 ? 1.232   -7.640  5.536   1.00 0.00 ? 1  DA  A "C1'"  1 
ATOM   9   N N9     . DA  A 1 1 ? 1.978   -6.364  5.582   1.00 0.00 ? 1  DA  A N9     1 
ATOM   10  C C8     . DA  A 1 1 ? 3.080   -5.989  4.853   1.00 0.00 ? 1  DA  A C8     1 
ATOM   11  N N7     . DA  A 1 1 ? 3.553   -4.807  5.155   1.00 0.00 ? 1  DA  A N7     1 
ATOM   12  C C5     . DA  A 1 1 ? 2.675   -4.370  6.168   1.00 0.00 ? 1  DA  A C5     1 
ATOM   13  C C6     . DA  A 1 1 ? 2.570   -3.222  6.995   1.00 0.00 ? 1  DA  A C6     1 
ATOM   14  N N6     . DA  A 1 1 ? 3.414   -2.208  7.000   1.00 0.00 ? 1  DA  A N6     1 
ATOM   15  N N1     . DA  A 1 1 ? 1.591   -3.102  7.894   1.00 0.00 ? 1  DA  A N1     1 
ATOM   16  C C2     . DA  A 1 1 ? 0.715   -4.092  7.999   1.00 0.00 ? 1  DA  A C2     1 
ATOM   17  N N3     . DA  A 1 1 ? 0.689   -5.225  7.314   1.00 0.00 ? 1  DA  A N3     1 
ATOM   18  C C4     . DA  A 1 1 ? 1.706   -5.305  6.413   1.00 0.00 ? 1  DA  A C4     1 
ATOM   19  H "H5'"  . DA  A 1 1 ? 1.713   -11.027 2.934   1.00 0.00 ? 1  DA  A "H5'"  1 
ATOM   20  H "H5''" . DA  A 1 1 ? 2.481   -9.435  2.815   1.00 0.00 ? 1  DA  A "H5''" 1 
ATOM   21  H "H4'"  . DA  A 1 1 ? 1.252   -10.607 5.351   1.00 0.00 ? 1  DA  A "H4'"  1 
ATOM   22  H "H3'"  . DA  A 1 1 ? -0.037  -9.449  3.115   1.00 0.00 ? 1  DA  A "H3'"  1 
ATOM   23  H "H2'"  . DA  A 1 1 ? 0.736   -7.273  3.461   1.00 0.00 ? 1  DA  A "H2'"  1 
ATOM   24  H "H2''" . DA  A 1 1 ? -0.666  -7.203  4.577   1.00 0.00 ? 1  DA  A "H2''" 1 
ATOM   25  H "H1'"  . DA  A 1 1 ? 0.658   -7.769  6.460   1.00 0.00 ? 1  DA  A "H1'"  1 
ATOM   26  H H8     . DA  A 1 1 ? 3.524   -6.637  4.106   1.00 0.00 ? 1  DA  A H8     1 
ATOM   27  H H61    . DA  A 1 1 ? 3.282   -1.473  7.688   1.00 0.00 ? 1  DA  A H61    1 
ATOM   28  H H62    . DA  A 1 1 ? 4.189   -2.225  6.365   1.00 0.00 ? 1  DA  A H62    1 
ATOM   29  H H2     . DA  A 1 1 ? -0.068  -3.961  8.734   1.00 0.00 ? 1  DA  A H2     1 
ATOM   30  H "HO5'" . DA  A 1 1 ? 4.200   -10.619 3.223   1.00 0.00 ? 1  DA  A "HO5'" 1 
ATOM   31  P P      . DT  A 1 2 ? -2.474  -9.596  4.404   1.00 0.00 ? 2  DT  A P      1 
ATOM   32  O OP1    . DT  A 1 2 ? -3.322  -10.667 4.963   1.00 0.00 ? 2  DT  A OP1    1 
ATOM   33  O OP2    . DT  A 1 2 ? -2.487  -9.501  2.935   1.00 0.00 ? 2  DT  A OP2    1 
ATOM   34  O "O5'"  . DT  A 1 2 ? -3.040  -8.213  4.937   1.00 0.00 ? 2  DT  A "O5'"  1 
ATOM   35  C "C5'"  . DT  A 1 2 ? -3.656  -8.097  6.211   1.00 0.00 ? 2  DT  A "C5'"  1 
ATOM   36  C "C4'"  . DT  A 1 2 ? -4.213  -6.685  6.406   1.00 0.00 ? 2  DT  A "C4'"  1 
ATOM   37  O "O4'"  . DT  A 1 2 ? -3.140  -5.763  6.496   1.00 0.00 ? 2  DT  A "O4'"  1 
ATOM   38  C "C3'"  . DT  A 1 2 ? -5.132  -6.228  5.255   1.00 0.00 ? 2  DT  A "C3'"  1 
ATOM   39  O "O3'"  . DT  A 1 2 ? -6.456  -6.015  5.733   1.00 0.00 ? 2  DT  A "O3'"  1 
ATOM   40  C "C2'"  . DT  A 1 2 ? -4.457  -4.942  4.770   1.00 0.00 ? 2  DT  A "C2'"  1 
ATOM   41  C "C1'"  . DT  A 1 2 ? -3.588  -4.541  5.964   1.00 0.00 ? 2  DT  A "C1'"  1 
ATOM   42  N N1     . DT  A 1 2 ? -2.414  -3.683  5.634   1.00 0.00 ? 2  DT  A N1     1 
ATOM   43  C C2     . DT  A 1 2 ? -2.231  -2.512  6.379   1.00 0.00 ? 2  DT  A C2     1 
ATOM   44  O O2     . DT  A 1 2 ? -2.993  -2.145  7.271   1.00 0.00 ? 2  DT  A O2     1 
ATOM   45  N N3     . DT  A 1 2 ? -1.149  -1.733  6.057   1.00 0.00 ? 2  DT  A N3     1 
ATOM   46  C C4     . DT  A 1 2 ? -0.241  -1.986  5.057   1.00 0.00 ? 2  DT  A C4     1 
ATOM   47  O O4     . DT  A 1 2 ? 0.665   -1.177  4.871   1.00 0.00 ? 2  DT  A O4     1 
ATOM   48  C C5     . DT  A 1 2 ? -0.476  -3.226  4.318   1.00 0.00 ? 2  DT  A C5     1 
ATOM   49  C C7     . DT  A 1 2 ? 0.460   -3.629  3.191   1.00 0.00 ? 2  DT  A C7     1 
ATOM   50  C C6     . DT  A 1 2 ? -1.527  -4.030  4.632   1.00 0.00 ? 2  DT  A C6     1 
ATOM   51  H "H5'"  . DT  A 1 2 ? -2.928  -8.310  6.996   1.00 0.00 ? 2  DT  A "H5'"  1 
ATOM   52  H "H5''" . DT  A 1 2 ? -4.478  -8.810  6.288   1.00 0.00 ? 2  DT  A "H5''" 1 
ATOM   53  H "H4'"  . DT  A 1 2 ? -4.778  -6.653  7.338   1.00 0.00 ? 2  DT  A "H4'"  1 
ATOM   54  H "H3'"  . DT  A 1 2 ? -5.137  -6.970  4.453   1.00 0.00 ? 2  DT  A "H3'"  1 
ATOM   55  H "H2'"  . DT  A 1 2 ? -3.855  -5.174  3.894   1.00 0.00 ? 2  DT  A "H2'"  1 
ATOM   56  H "H2''" . DT  A 1 2 ? -5.171  -4.158  4.530   1.00 0.00 ? 2  DT  A "H2''" 1 
ATOM   57  H "H1'"  . DT  A 1 2 ? -4.225  -4.050  6.705   1.00 0.00 ? 2  DT  A "H1'"  1 
ATOM   58  H H3     . DT  A 1 2 ? -1.008  -0.897  6.607   1.00 0.00 ? 2  DT  A H3     1 
ATOM   59  H H71    . DT  A 1 2 ? 1.485   -3.645  3.559   1.00 0.00 ? 2  DT  A H71    1 
ATOM   60  H H72    . DT  A 1 2 ? 0.200   -4.610  2.793   1.00 0.00 ? 2  DT  A H72    1 
ATOM   61  H H73    . DT  A 1 2 ? 0.398   -2.888  2.394   1.00 0.00 ? 2  DT  A H73    1 
ATOM   62  H H6     . DT  A 1 2 ? -1.672  -4.964  4.106   1.00 0.00 ? 2  DT  A H6     1 
ATOM   63  P P      . DG  A 1 3 ? -7.700  -5.802  4.743   1.00 0.00 ? 3  DG  A P      1 
ATOM   64  O OP1    . DG  A 1 3 ? -8.930  -6.039  5.535   1.00 0.00 ? 3  DG  A OP1    1 
ATOM   65  O OP2    . DG  A 1 3 ? -7.483  -6.589  3.512   1.00 0.00 ? 3  DG  A OP2    1 
ATOM   66  O "O5'"  . DG  A 1 3 ? -7.664  -4.252  4.367   1.00 0.00 ? 3  DG  A "O5'"  1 
ATOM   67  C "C5'"  . DG  A 1 3 ? -7.990  -3.240  5.314   1.00 0.00 ? 3  DG  A "C5'"  1 
ATOM   68  C "C4'"  . DG  A 1 3 ? -8.535  -1.982  4.627   1.00 0.00 ? 3  DG  A "C4'"  1 
ATOM   69  O "O4'"  . DG  A 1 3 ? -7.476  -1.201  4.098   1.00 0.00 ? 3  DG  A "O4'"  1 
ATOM   70  C "C3'"  . DG  A 1 3 ? -9.503  -2.291  3.464   1.00 0.00 ? 3  DG  A "C3'"  1 
ATOM   71  O "O3'"  . DG  A 1 3 ? -10.756 -1.639  3.618   1.00 0.00 ? 3  DG  A "O3'"  1 
ATOM   72  C "C2'"  . DG  A 1 3 ? -8.748  -1.722  2.266   1.00 0.00 ? 3  DG  A "C2'"  1 
ATOM   73  C "C1'"  . DG  A 1 3 ? -7.956  -0.590  2.921   1.00 0.00 ? 3  DG  A "C1'"  1 
ATOM   74  N N9     . DG  A 1 3 ? -6.835  -0.011  2.133   1.00 0.00 ? 3  DG  A N9     1 
ATOM   75  C C8     . DG  A 1 3 ? -6.232  -0.454  0.978   1.00 0.00 ? 3  DG  A C8     1 
ATOM   76  N N7     . DG  A 1 3 ? -5.232  0.286   0.566   1.00 0.00 ? 3  DG  A N7     1 
ATOM   77  C C5     . DG  A 1 3 ? -5.165  1.303   1.529   1.00 0.00 ? 3  DG  A C5     1 
ATOM   78  C C6     . DG  A 1 3 ? -4.248  2.403   1.703   1.00 0.00 ? 3  DG  A C6     1 
ATOM   79  O O6     . DG  A 1 3 ? -3.247  2.700   1.039   1.00 0.00 ? 3  DG  A O6     1 
ATOM   80  N N1     . DG  A 1 3 ? -4.553  3.209   2.782   1.00 0.00 ? 3  DG  A N1     1 
ATOM   81  C C2     . DG  A 1 3 ? -5.611  2.997   3.601   1.00 0.00 ? 3  DG  A C2     1 
ATOM   82  N N2     . DG  A 1 3 ? -5.831  3.869   4.540   1.00 0.00 ? 3  DG  A N2     1 
ATOM   83  N N3     . DG  A 1 3 ? -6.457  1.980   3.506   1.00 0.00 ? 3  DG  A N3     1 
ATOM   84  C C4     . DG  A 1 3 ? -6.176  1.154   2.454   1.00 0.00 ? 3  DG  A C4     1 
ATOM   85  H "H5'"  . DG  A 1 3 ? -7.108  -2.986  5.903   1.00 0.00 ? 3  DG  A "H5'"  1 
ATOM   86  H "H5''" . DG  A 1 3 ? -8.753  -3.596  5.999   1.00 0.00 ? 3  DG  A "H5''" 1 
ATOM   87  H "H4'"  . DG  A 1 3 ? -9.064  -1.383  5.369   1.00 0.00 ? 3  DG  A "H4'"  1 
ATOM   88  H "H3'"  . DG  A 1 3 ? -9.656  -3.365  3.328   1.00 0.00 ? 3  DG  A "H3'"  1 
ATOM   89  H "H2'"  . DG  A 1 3 ? -8.074  -2.485  1.874   1.00 0.00 ? 3  DG  A "H2'"  1 
ATOM   90  H "H2''" . DG  A 1 3 ? -9.430  -1.371  1.495   1.00 0.00 ? 3  DG  A "H2''" 1 
ATOM   91  H "H1'"  . DG  A 1 3 ? -8.639  0.213   3.208   1.00 0.00 ? 3  DG  A "H1'"  1 
ATOM   92  H H8     . DG  A 1 3 ? -6.546  -1.356  0.468   1.00 0.00 ? 3  DG  A H8     1 
ATOM   93  H H1     . DG  A 1 3 ? -3.950  3.994   2.979   1.00 0.00 ? 3  DG  A H1     1 
ATOM   94  H H21    . DG  A 1 3 ? -5.221  4.676   4.651   1.00 0.00 ? 3  DG  A H21    1 
ATOM   95  H H22    . DG  A 1 3 ? -6.660  3.738   5.082   1.00 0.00 ? 3  DG  A H22    1 
ATOM   96  P P      . DC  A 1 4 ? -11.876 -2.244  4.585   1.00 0.00 ? 4  DC  A P      1 
ATOM   97  O OP1    . DC  A 1 4 ? -11.265 -2.934  5.742   1.00 0.00 ? 4  DC  A OP1    1 
ATOM   98  O OP2    . DC  A 1 4 ? -12.875 -2.961  3.773   1.00 0.00 ? 4  DC  A OP2    1 
ATOM   99  O "O5'"  . DC  A 1 4 ? -12.719 -1.010  5.131   1.00 0.00 ? 4  DC  A "O5'"  1 
ATOM   100 C "C5'"  . DC  A 1 4 ? -12.199 -0.029  6.015   1.00 0.00 ? 4  DC  A "C5'"  1 
ATOM   101 C "C4'"  . DC  A 1 4 ? -11.977 1.325   5.323   1.00 0.00 ? 4  DC  A "C4'"  1 
ATOM   102 O "O4'"  . DC  A 1 4 ? -10.822 1.350   4.506   1.00 0.00 ? 4  DC  A "O4'"  1 
ATOM   103 C "C3'"  . DC  A 1 4 ? -13.103 1.755   4.381   1.00 0.00 ? 4  DC  A "C3'"  1 
ATOM   104 O "O3'"  . DC  A 1 4 ? -14.201 2.331   5.062   1.00 0.00 ? 4  DC  A "O3'"  1 
ATOM   105 C "C2'"  . DC  A 1 4 ? -12.411 2.793   3.506   1.00 0.00 ? 4  DC  A "C2'"  1 
ATOM   106 C "C1'"  . DC  A 1 4 ? -10.914 2.520   3.713   1.00 0.00 ? 4  DC  A "C1'"  1 
ATOM   107 N N1     . DC  A 1 4 ? -10.170 2.335   2.438   1.00 0.00 ? 4  DC  A N1     1 
ATOM   108 C C2     . DC  A 1 4 ? -9.181  3.264   2.096   1.00 0.00 ? 4  DC  A C2     1 
ATOM   109 O O2     . DC  A 1 4 ? -8.958  4.248   2.795   1.00 0.00 ? 4  DC  A O2     1 
ATOM   110 N N3     . DC  A 1 4 ? -8.457  3.115   0.963   1.00 0.00 ? 4  DC  A N3     1 
ATOM   111 C C4     . DC  A 1 4 ? -8.723  2.099   0.180   1.00 0.00 ? 4  DC  A C4     1 
ATOM   112 N N4     . DC  A 1 4 ? -7.944  1.986   -0.853  1.00 0.00 ? 4  DC  A N4     1 
ATOM   113 C C5     . DC  A 1 4 ? -9.739  1.140   0.443   1.00 0.00 ? 4  DC  A C5     1 
ATOM   114 C C6     . DC  A 1 4 ? -10.446 1.286   1.595   1.00 0.00 ? 4  DC  A C6     1 
ATOM   115 H "H5'"  . DC  A 1 4 ? -11.264 -0.365  6.467   1.00 0.00 ? 4  DC  A "H5'"  1 
ATOM   116 H "H5''" . DC  A 1 4 ? -12.928 0.124   6.812   1.00 0.00 ? 4  DC  A "H5''" 1 
ATOM   117 H "H4'"  . DC  A 1 4 ? -11.874 2.087   6.097   1.00 0.00 ? 4  DC  A "H4'"  1 
ATOM   118 H "H3'"  . DC  A 1 4 ? -13.404 0.912   3.758   1.00 0.00 ? 4  DC  A "H3'"  1 
ATOM   119 H "H2'"  . DC  A 1 4 ? -12.720 2.656   2.472   1.00 0.00 ? 4  DC  A "H2'"  1 
ATOM   120 H "H2''" . DC  A 1 4 ? -12.655 3.804   3.836   1.00 0.00 ? 4  DC  A "H2''" 1 
ATOM   121 H "H1'"  . DC  A 1 4 ? -10.486 3.358   4.274   1.00 0.00 ? 4  DC  A "H1'"  1 
ATOM   122 H H41    . DC  A 1 4 ? -7.208  2.678   -0.921  1.00 0.00 ? 4  DC  A H41    1 
ATOM   123 H H42    . DC  A 1 4 ? -8.052  1.210   -1.472  1.00 0.00 ? 4  DC  A H42    1 
ATOM   124 H H5     . DC  A 1 4 ? -9.941  0.312   -0.217  1.00 0.00 ? 4  DC  A H5     1 
ATOM   125 H H6     . DC  A 1 4 ? -11.207 0.566   1.883   1.00 0.00 ? 4  DC  A H6     1 
ATOM   126 P P      . DA  A 1 5 ? -15.669 1.723   4.907   1.00 0.00 ? 5  DA  A P      1 
ATOM   127 O OP1    . DA  A 1 5 ? -16.538 2.438   5.866   1.00 0.00 ? 5  DA  A OP1    1 
ATOM   128 O OP2    . DA  A 1 5 ? -15.566 0.250   4.962   1.00 0.00 ? 5  DA  A OP2    1 
ATOM   129 O "O5'"  . DA  A 1 5 ? -16.102 2.116   3.409   1.00 0.00 ? 5  DA  A "O5'"  1 
ATOM   130 C "C5'"  . DA  A 1 5 ? -16.765 3.337   3.104   1.00 0.00 ? 5  DA  A "C5'"  1 
ATOM   131 C "C4'"  . DA  A 1 5 ? -15.829 4.557   3.136   1.00 0.00 ? 5  DA  A "C4'"  1 
ATOM   132 O "O4'"  . DA  A 1 5 ? -15.037 4.603   1.947   1.00 0.00 ? 5  DA  A "O4'"  1 
ATOM   133 C "C3'"  . DA  A 1 5 ? -16.635 5.862   3.175   1.00 0.00 ? 5  DA  A "C3'"  1 
ATOM   134 O "O3'"  . DA  A 1 5 ? -15.989 6.746   4.077   1.00 0.00 ? 5  DA  A "O3'"  1 
ATOM   135 C "C2'"  . DA  A 1 5 ? -16.574 6.349   1.731   1.00 0.00 ? 5  DA  A "C2'"  1 
ATOM   136 C "C1'"  . DA  A 1 5 ? -15.172 5.891   1.363   1.00 0.00 ? 5  DA  A "C1'"  1 
ATOM   137 N N9     . DA  A 1 5 ? -14.945 5.823   -0.098  1.00 0.00 ? 5  DA  A N9     1 
ATOM   138 C C8     . DA  A 1 5 ? -15.493 4.965   -1.020  1.00 0.00 ? 5  DA  A C8     1 
ATOM   139 N N7     . DA  A 1 5 ? -14.974 5.055   -2.218  1.00 0.00 ? 5  DA  A N7     1 
ATOM   140 C C5     . DA  A 1 5 ? -14.010 6.069   -2.068  1.00 0.00 ? 5  DA  A C5     1 
ATOM   141 C C6     . DA  A 1 5 ? -13.014 6.654   -2.890  1.00 0.00 ? 5  DA  A C6     1 
ATOM   142 N N6     . DA  A 1 5 ? -12.730 6.296   -4.127  1.00 0.00 ? 5  DA  A N6     1 
ATOM   143 N N1     . DA  A 1 5 ? -12.221 7.618   -2.428  1.00 0.00 ? 5  DA  A N1     1 
ATOM   144 C C2     . DA  A 1 5 ? -12.367 8.009   -1.170  1.00 0.00 ? 5  DA  A C2     1 
ATOM   145 N N3     . DA  A 1 5 ? -13.226 7.540   -0.278  1.00 0.00 ? 5  DA  A N3     1 
ATOM   146 C C4     . DA  A 1 5 ? -14.022 6.566   -0.792  1.00 0.00 ? 5  DA  A C4     1 
ATOM   147 H "H5'"  . DA  A 1 5 ? -17.583 3.485   3.810   1.00 0.00 ? 5  DA  A "H5'"  1 
ATOM   148 H "H5''" . DA  A 1 5 ? -17.196 3.261   2.106   1.00 0.00 ? 5  DA  A "H5''" 1 
ATOM   149 H "H4'"  . DA  A 1 5 ? -15.192 4.509   4.019   1.00 0.00 ? 5  DA  A "H4'"  1 
ATOM   150 H "H3'"  . DA  A 1 5 ? -17.666 5.689   3.488   1.00 0.00 ? 5  DA  A "H3'"  1 
ATOM   151 H "H2'"  . DA  A 1 5 ? -17.327 5.838   1.131   1.00 0.00 ? 5  DA  A "H2'"  1 
ATOM   152 H "H2''" . DA  A 1 5 ? -16.681 7.431   1.652   1.00 0.00 ? 5  DA  A "H2''" 1 
ATOM   153 H "H1'"  . DA  A 1 5 ? -14.454 6.584   1.818   1.00 0.00 ? 5  DA  A "H1'"  1 
ATOM   154 H H8     . DA  A 1 5 ? -16.261 4.248   -0.759  1.00 0.00 ? 5  DA  A H8     1 
ATOM   155 H H61    . DA  A 1 5 ? -11.895 6.686   -4.552  1.00 0.00 ? 5  DA  A H61    1 
ATOM   156 H H62    . DA  A 1 5 ? -13.243 5.544   -4.550  1.00 0.00 ? 5  DA  A H62    1 
ATOM   157 H H2     . DA  A 1 5 ? -11.701 8.792   -0.829  1.00 0.00 ? 5  DA  A H2     1 
ATOM   158 P P      . DT  A 1 6 ? -16.645 8.136   4.518   1.00 0.00 ? 6  DT  A P      1 
ATOM   159 O OP1    . DT  A 1 6 ? -16.163 8.462   5.876   1.00 0.00 ? 6  DT  A OP1    1 
ATOM   160 O OP2    . DT  A 1 6 ? -18.099 8.056   4.274   1.00 0.00 ? 6  DT  A OP2    1 
ATOM   161 O "O5'"  . DT  A 1 6 ? -15.986 9.203   3.507   1.00 0.00 ? 6  DT  A "O5'"  1 
ATOM   162 C "C5'"  . DT  A 1 6 ? -14.619 9.576   3.667   1.00 0.00 ? 6  DT  A "C5'"  1 
ATOM   163 C "C4'"  . DT  A 1 6 ? -14.103 10.616  2.662   1.00 0.00 ? 6  DT  A "C4'"  1 
ATOM   164 O "O4'"  . DT  A 1 6 ? -14.050 10.093  1.351   1.00 0.00 ? 6  DT  A "O4'"  1 
ATOM   165 C "C3'"  . DT  A 1 6 ? -14.920 11.915  2.576   1.00 0.00 ? 6  DT  A "C3'"  1 
ATOM   166 O "O3'"  . DT  A 1 6 ? -14.288 12.976  3.288   1.00 0.00 ? 6  DT  A "O3'"  1 
ATOM   167 C "C2'"  . DT  A 1 6 ? -14.961 12.210  1.070   1.00 0.00 ? 6  DT  A "C2'"  1 
ATOM   168 C "C1'"  . DT  A 1 6 ? -14.000 11.186  0.457   1.00 0.00 ? 6  DT  A "C1'"  1 
ATOM   169 N N1     . DT  A 1 6 ? -14.373 10.733  -0.915  1.00 0.00 ? 6  DT  A N1     1 
ATOM   170 C C2     . DT  A 1 6 ? -13.571 11.131  -1.994  1.00 0.00 ? 6  DT  A C2     1 
ATOM   171 O O2     . DT  A 1 6 ? -12.657 11.945  -1.903  1.00 0.00 ? 6  DT  A O2     1 
ATOM   172 N N3     . DT  A 1 6 ? -13.860 10.574  -3.220  1.00 0.00 ? 6  DT  A N3     1 
ATOM   173 C C4     . DT  A 1 6 ? -14.878 9.687   -3.486  1.00 0.00 ? 6  DT  A C4     1 
ATOM   174 O O4     . DT  A 1 6 ? -15.015 9.268   -4.636  1.00 0.00 ? 6  DT  A O4     1 
ATOM   175 C C5     . DT  A 1 6 ? -15.704 9.341   -2.327  1.00 0.00 ? 6  DT  A C5     1 
ATOM   176 C C7     . DT  A 1 6 ? -16.859 8.364   -2.479  1.00 0.00 ? 6  DT  A C7     1 
ATOM   177 C C6     . DT  A 1 6 ? -15.430 9.863   -1.100  1.00 0.00 ? 6  DT  A C6     1 
ATOM   178 H "H5'"  . DT  A 1 6 ? -14.000 8.682   3.579   1.00 0.00 ? 6  DT  A "H5'"  1 
ATOM   179 H "H5''" . DT  A 1 6 ? -14.481 9.980   4.670   1.00 0.00 ? 6  DT  A "H5''" 1 
ATOM   180 H "H4'"  . DT  A 1 6 ? -13.086 10.883  2.954   1.00 0.00 ? 6  DT  A "H4'"  1 
ATOM   181 H "H3'"  . DT  A 1 6 ? -15.934 11.748  2.947   1.00 0.00 ? 6  DT  A "H3'"  1 
ATOM   182 H "HO3'" . DT  A 1 6 ? -14.405 12.786  4.251   1.00 0.00 ? 6  DT  A "HO3'" 1 
ATOM   183 H "H2'"  . DT  A 1 6 ? -15.974 12.057  0.699   1.00 0.00 ? 6  DT  A "H2'"  1 
ATOM   184 H "H2''" . DT  A 1 6 ? -14.633 13.227  0.849   1.00 0.00 ? 6  DT  A "H2''" 1 
ATOM   185 H "H1'"  . DT  A 1 6 ? -12.989 11.604  0.453   1.00 0.00 ? 6  DT  A "H1'"  1 
ATOM   186 H H3     . DT  A 1 6 ? -13.218 10.777  -3.974  1.00 0.00 ? 6  DT  A H3     1 
ATOM   187 H H71    . DT  A 1 6 ? -16.488 7.434   -2.912  1.00 0.00 ? 6  DT  A H71    1 
ATOM   188 H H72    . DT  A 1 6 ? -17.327 8.154   -1.518  1.00 0.00 ? 6  DT  A H72    1 
ATOM   189 H H73    . DT  A 1 6 ? -17.598 8.784   -3.162  1.00 0.00 ? 6  DT  A H73    1 
ATOM   190 H H6     . DT  A 1 6 ? -16.005 9.564   -0.233  1.00 0.00 ? 6  DT  A H6     1 
ATOM   191 O "O5'"  . DA  B 1 1 ? -7.643  11.977  -12.393 1.00 0.00 ? 7  DA  B "O5'"  1 
ATOM   192 C "C5'"  . DA  B 1 1 ? -6.631  11.802  -11.408 1.00 0.00 ? 7  DA  B "C5'"  1 
ATOM   193 C "C4'"  . DA  B 1 1 ? -6.751  12.853  -10.280 1.00 0.00 ? 7  DA  B "C4'"  1 
ATOM   194 O "O4'"  . DA  B 1 1 ? -8.072  12.839  -9.736  1.00 0.00 ? 7  DA  B "O4'"  1 
ATOM   195 C "C3'"  . DA  B 1 1 ? -5.784  12.570  -9.118  1.00 0.00 ? 7  DA  B "C3'"  1 
ATOM   196 O "O3'"  . DA  B 1 1 ? -5.386  13.784  -8.478  1.00 0.00 ? 7  DA  B "O3'"  1 
ATOM   197 C "C2'"  . DA  B 1 1 ? -6.656  11.680  -8.232  1.00 0.00 ? 7  DA  B "C2'"  1 
ATOM   198 C "C1'"  . DA  B 1 1 ? -8.047  12.284  -8.430  1.00 0.00 ? 7  DA  B "C1'"  1 
ATOM   199 N N9     . DA  B 1 1 ? -9.137  11.290  -8.277  1.00 0.00 ? 7  DA  B N9     1 
ATOM   200 C C8     . DA  B 1 1 ? -9.416  10.185  -9.046  1.00 0.00 ? 7  DA  B C8     1 
ATOM   201 N N7     . DA  B 1 1 ? -10.418 9.461   -8.612  1.00 0.00 ? 7  DA  B N7     1 
ATOM   202 C C5     . DA  B 1 1 ? -10.827 10.153  -7.456  1.00 0.00 ? 7  DA  B C5     1 
ATOM   203 C C6     . DA  B 1 1 ? -11.827 9.969   -6.466  1.00 0.00 ? 7  DA  B C6     1 
ATOM   204 N N6     . DA  B 1 1 ? -12.677 8.962   -6.408  1.00 0.00 ? 7  DA  B N6     1 
ATOM   205 N N1     . DA  B 1 1 ? -11.983 10.843  -5.470  1.00 0.00 ? 7  DA  B N1     1 
ATOM   206 C C2     . DA  B 1 1 ? -11.183 11.898  -5.437  1.00 0.00 ? 7  DA  B C2     1 
ATOM   207 N N3     . DA  B 1 1 ? -10.216 12.213  -6.287  1.00 0.00 ? 7  DA  B N3     1 
ATOM   208 C C4     . DA  B 1 1 ? -10.077 11.285  -7.273  1.00 0.00 ? 7  DA  B C4     1 
ATOM   209 H "H5'"  . DA  B 1 1 ? -5.649  11.902  -11.875 1.00 0.00 ? 7  DA  B "H5'"  1 
ATOM   210 H "H5''" . DA  B 1 1 ? -6.709  10.800  -10.985 1.00 0.00 ? 7  DA  B "H5''" 1 
ATOM   211 H "H4'"  . DA  B 1 1 ? -6.534  13.836  -10.699 1.00 0.00 ? 7  DA  B "H4'"  1 
ATOM   212 H "H3'"  . DA  B 1 1 ? -4.902  12.028  -9.467  1.00 0.00 ? 7  DA  B "H3'"  1 
ATOM   213 H "H2'"  . DA  B 1 1 ? -6.621  10.652  -8.595  1.00 0.00 ? 7  DA  B "H2'"  1 
ATOM   214 H "H2''" . DA  B 1 1 ? -6.356  11.714  -7.187  1.00 0.00 ? 7  DA  B "H2''" 1 
ATOM   215 H "H1'"  . DA  B 1 1 ? -8.179  13.085  -7.695  1.00 0.00 ? 7  DA  B "H1'"  1 
ATOM   216 H H8     . DA  B 1 1 ? -8.854  9.944   -9.940  1.00 0.00 ? 7  DA  B H8     1 
ATOM   217 H H61    . DA  B 1 1 ? -13.357 8.960   -5.661  1.00 0.00 ? 7  DA  B H61    1 
ATOM   218 H H62    . DA  B 1 1 ? -12.650 8.242   -7.113  1.00 0.00 ? 7  DA  B H62    1 
ATOM   219 H H2     . DA  B 1 1 ? -11.339 12.588  -4.619  1.00 0.00 ? 7  DA  B H2     1 
ATOM   220 H "HO5'" . DA  B 1 1 ? -7.455  11.441  -13.195 1.00 0.00 ? 7  DA  B "HO5'" 1 
ATOM   221 P P      . DT  B 1 2 ? -4.227  13.822  -7.362  1.00 0.00 ? 8  DT  B P      1 
ATOM   222 O OP1    . DT  B 1 2 ? -3.743  15.202  -7.145  1.00 0.00 ? 8  DT  B OP1    1 
ATOM   223 O OP2    . DT  B 1 2 ? -3.229  12.779  -7.647  1.00 0.00 ? 8  DT  B OP2    1 
ATOM   224 O "O5'"  . DT  B 1 2 ? -4.939  13.433  -5.985  1.00 0.00 ? 8  DT  B "O5'"  1 
ATOM   225 C "C5'"  . DT  B 1 2 ? -5.929  14.270  -5.395  1.00 0.00 ? 8  DT  B "C5'"  1 
ATOM   226 C "C4'"  . DT  B 1 2 ? -6.638  13.590  -4.216  1.00 0.00 ? 8  DT  B "C4'"  1 
ATOM   227 O "O4'"  . DT  B 1 2 ? -7.469  12.536  -4.658  1.00 0.00 ? 8  DT  B "O4'"  1 
ATOM   228 C "C3'"  . DT  B 1 2 ? -5.699  12.943  -3.196  1.00 0.00 ? 8  DT  B "C3'"  1 
ATOM   229 O "O3'"  . DT  B 1 2 ? -5.345  13.850  -2.163  1.00 0.00 ? 8  DT  B "O3'"  1 
ATOM   230 C "C2'"  . DT  B 1 2 ? -6.516  11.764  -2.664  1.00 0.00 ? 8  DT  B "C2'"  1 
ATOM   231 C "C1'"  . DT  B 1 2 ? -7.794  11.772  -3.512  1.00 0.00 ? 8  DT  B "C1'"  1 
ATOM   232 N N1     . DT  B 1 2 ? -8.259  10.414  -3.902  1.00 0.00 ? 8  DT  B N1     1 
ATOM   233 C C2     . DT  B 1 2 ? -9.330  9.860   -3.194  1.00 0.00 ? 8  DT  B C2     1 
ATOM   234 O O2     . DT  B 1 2 ? -9.798  10.356  -2.174  1.00 0.00 ? 8  DT  B O2     1 
ATOM   235 N N3     . DT  B 1 2 ? -9.849  8.687   -3.679  1.00 0.00 ? 8  DT  B N3     1 
ATOM   236 C C4     . DT  B 1 2 ? -9.396  7.990   -4.771  1.00 0.00 ? 8  DT  B C4     1 
ATOM   237 O O4     . DT  B 1 2 ? -10.003 6.978   -5.113  1.00 0.00 ? 8  DT  B O4     1 
ATOM   238 C C5     . DT  B 1 2 ? -8.213  8.567   -5.411  1.00 0.00 ? 8  DT  B C5     1 
ATOM   239 C C7     . DT  B 1 2 ? -7.574  7.869   -6.600  1.00 0.00 ? 8  DT  B C7     1 
ATOM   240 C C6     . DT  B 1 2 ? -7.687  9.740   -4.965  1.00 0.00 ? 8  DT  B C6     1 
ATOM   241 H "H5'"  . DT  B 1 2 ? -6.683  14.524  -6.142  1.00 0.00 ? 8  DT  B "H5'"  1 
ATOM   242 H "H5''" . DT  B 1 2 ? -5.475  15.197  -5.044  1.00 0.00 ? 8  DT  B "H5''" 1 
ATOM   243 H "H4'"  . DT  B 1 2 ? -7.252  14.330  -3.700  1.00 0.00 ? 8  DT  B "H4'"  1 
ATOM   244 H "H3'"  . DT  B 1 2 ? -4.816  12.551  -3.708  1.00 0.00 ? 8  DT  B "H3'"  1 
ATOM   245 H "H2'"  . DT  B 1 2 ? -5.953  10.844  -2.811  1.00 0.00 ? 8  DT  B "H2'"  1 
ATOM   246 H "H2''" . DT  B 1 2 ? -6.763  11.896  -1.611  1.00 0.00 ? 8  DT  B "H2''" 1 
ATOM   247 H "H1'"  . DT  B 1 2 ? -8.587  12.286  -2.956  1.00 0.00 ? 8  DT  B "H1'"  1 
ATOM   248 H H3     . DT  B 1 2 ? -10.661 8.320   -3.205  1.00 0.00 ? 8  DT  B H3     1 
ATOM   249 H H71    . DT  B 1 2 ? -8.317  7.756   -7.391  1.00 0.00 ? 8  DT  B H71    1 
ATOM   250 H H72    . DT  B 1 2 ? -6.720  8.431   -6.979  1.00 0.00 ? 8  DT  B H72    1 
ATOM   251 H H73    . DT  B 1 2 ? -7.245  6.875   -6.296  1.00 0.00 ? 8  DT  B H73    1 
ATOM   252 H H6     . DT  B 1 2 ? -6.831  10.181  -5.456  1.00 0.00 ? 8  DT  B H6     1 
ATOM   253 P P      . DG  B 1 3 ? -3.826  13.959  -1.670  1.00 0.00 ? 9  DG  B P      1 
ATOM   254 O OP1    . DG  B 1 3 ? -3.716  15.010  -0.637  1.00 0.00 ? 9  DG  B OP1    1 
ATOM   255 O OP2    . DG  B 1 3 ? -2.986  14.034  -2.888  1.00 0.00 ? 9  DG  B OP2    1 
ATOM   256 O "O5'"  . DG  B 1 3 ? -3.587  12.561  -0.932  1.00 0.00 ? 9  DG  B "O5'"  1 
ATOM   257 C "C5'"  . DG  B 1 3 ? -4.160  12.319  0.350   1.00 0.00 ? 9  DG  B "C5'"  1 
ATOM   258 C "C4'"  . DG  B 1 3 ? -3.541  11.124  1.073   1.00 0.00 ? 9  DG  B "C4'"  1 
ATOM   259 O "O4'"  . DG  B 1 3 ? -4.032  9.904   0.549   1.00 0.00 ? 9  DG  B "O4'"  1 
ATOM   260 C "C3'"  . DG  B 1 3 ? -2.004  11.051  0.993   1.00 0.00 ? 9  DG  B "C3'"  1 
ATOM   261 O "O3'"  . DG  B 1 3 ? -1.418  11.071  2.284   1.00 0.00 ? 9  DG  B "O3'"  1 
ATOM   262 C "C2'"  . DG  B 1 3 ? -1.768  9.671   0.382   1.00 0.00 ? 9  DG  B "C2'"  1 
ATOM   263 C "C1'"  . DG  B 1 3 ? -3.034  8.952   0.834   1.00 0.00 ? 9  DG  B "C1'"  1 
ATOM   264 N N9     . DG  B 1 3 ? -3.342  7.657   0.188   1.00 0.00 ? 9  DG  B N9     1 
ATOM   265 C C8     . DG  B 1 3 ? -2.724  6.999   -0.850  1.00 0.00 ? 9  DG  B C8     1 
ATOM   266 N N7     . DG  B 1 3 ? -3.295  5.869   -1.190  1.00 0.00 ? 9  DG  B N7     1 
ATOM   267 C C5     . DG  B 1 3 ? -4.376  5.777   -0.297  1.00 0.00 ? 9  DG  B C5     1 
ATOM   268 C C6     . DG  B 1 3 ? -5.443  4.821   -0.181  1.00 0.00 ? 9  DG  B C6     1 
ATOM   269 O O6     . DG  B 1 3 ? -5.668  3.841   -0.898  1.00 0.00 ? 9  DG  B O6     1 
ATOM   270 N N1     . DG  B 1 3 ? -6.316  5.087   0.857   1.00 0.00 ? 9  DG  B N1     1 
ATOM   271 C C2     . DG  B 1 3 ? -6.187  6.146   1.696   1.00 0.00 ? 9  DG  B C2     1 
ATOM   272 N N2     . DG  B 1 3 ? -7.073  6.291   2.640   1.00 0.00 ? 9  DG  B N2     1 
ATOM   273 N N3     . DG  B 1 3 ? -5.242  7.070   1.603   1.00 0.00 ? 9  DG  B N3     1 
ATOM   274 C C4     . DG  B 1 3 ? -4.371  6.839   0.578   1.00 0.00 ? 9  DG  B C4     1 
ATOM   275 H "H5'"  . DG  B 1 3 ? -5.234  12.162  0.248   1.00 0.00 ? 9  DG  B "H5'"  1 
ATOM   276 H "H5''" . DG  B 1 3 ? -4.011  13.185  0.989   1.00 0.00 ? 9  DG  B "H5''" 1 
ATOM   277 H "H4'"  . DG  B 1 3 ? -3.823  11.180  2.126   1.00 0.00 ? 9  DG  B "H4'"  1 
ATOM   278 H "H3'"  . DG  B 1 3 ? -1.582  11.830  0.354   1.00 0.00 ? 9  DG  B "H3'"  1 
ATOM   279 H "H2'"  . DG  B 1 3 ? -1.737  9.754   -0.705  1.00 0.00 ? 9  DG  B "H2'"  1 
ATOM   280 H "H2''" . DG  B 1 3 ? -0.863  9.206   0.772   1.00 0.00 ? 9  DG  B "H2''" 1 
ATOM   281 H "H1'"  . DG  B 1 3 ? -3.004  8.805   1.916   1.00 0.00 ? 9  DG  B "H1'"  1 
ATOM   282 H H8     . DG  B 1 3 ? -1.855  7.400   -1.354  1.00 0.00 ? 9  DG  B H8     1 
ATOM   283 H H1     . DG  B 1 3 ? -7.102  4.466   0.989   1.00 0.00 ? 9  DG  B H1     1 
ATOM   284 H H21    . DG  B 1 3 ? -7.811  5.601   2.757   1.00 0.00 ? 9  DG  B H21    1 
ATOM   285 H H22    . DG  B 1 3 ? -6.955  7.054   3.282   1.00 0.00 ? 9  DG  B H22    1 
ATOM   286 P P      . DC  B 1 4 ? -1.050  12.445  3.012   1.00 0.00 ? 10 DC  B P      1 
ATOM   287 O OP1    . DC  B 1 4 ? -1.915  13.551  2.527   1.00 0.00 ? 10 DC  B OP1    1 
ATOM   288 O OP2    . DC  B 1 4 ? 0.393   12.678  2.838   1.00 0.00 ? 10 DC  B OP2    1 
ATOM   289 O "O5'"  . DC  B 1 4 ? -1.285  12.251  4.579   1.00 0.00 ? 10 DC  B "O5'"  1 
ATOM   290 C "C5'"  . DC  B 1 4 ? -2.573  12.129  5.168   1.00 0.00 ? 10 DC  B "C5'"  1 
ATOM   291 C "C4'"  . DC  B 1 4 ? -2.852  10.714  5.703   1.00 0.00 ? 10 DC  B "C4'"  1 
ATOM   292 O "O4'"  . DC  B 1 4 ? -2.968  9.765   4.656   1.00 0.00 ? 10 DC  B "O4'"  1 
ATOM   293 C "C3'"  . DC  B 1 4 ? -1.774  10.167  6.648   1.00 0.00 ? 10 DC  B "C3'"  1 
ATOM   294 O "O3'"  . DC  B 1 4 ? -2.051  10.520  7.995   1.00 0.00 ? 10 DC  B "O3'"  1 
ATOM   295 C "C2'"  . DC  B 1 4 ? -1.863  8.654   6.417   1.00 0.00 ? 10 DC  B "C2'"  1 
ATOM   296 C "C1'"  . DC  B 1 4 ? -2.833  8.486   5.241   1.00 0.00 ? 10 DC  B "C1'"  1 
ATOM   297 N N1     . DC  B 1 4 ? -2.348  7.514   4.226   1.00 0.00 ? 10 DC  B N1     1 
ATOM   298 C C2     . DC  B 1 4 ? -3.040  6.310   4.043   1.00 0.00 ? 10 DC  B C2     1 
ATOM   299 O O2     . DC  B 1 4 ? -4.006  6.003   4.738   1.00 0.00 ? 10 DC  B O2     1 
ATOM   300 N N3     . DC  B 1 4 ? -2.641  5.422   3.098   1.00 0.00 ? 10 DC  B N3     1 
ATOM   301 C C4     . DC  B 1 4 ? -1.578  5.709   2.391   1.00 0.00 ? 10 DC  B C4     1 
ATOM   302 N N4     . DC  B 1 4 ? -1.294  4.842   1.468   1.00 0.00 ? 10 DC  B N4     1 
ATOM   303 C C5     . DC  B 1 4 ? -0.806  6.893   2.545   1.00 0.00 ? 10 DC  B C5     1 
ATOM   304 C C6     . DC  B 1 4 ? -1.227  7.785   3.479   1.00 0.00 ? 10 DC  B C6     1 
ATOM   305 H "H5'"  . DC  B 1 4 ? -3.351  12.400  4.453   1.00 0.00 ? 10 DC  B "H5'"  1 
ATOM   306 H "H5''" . DC  B 1 4 ? -2.628  12.818  6.011   1.00 0.00 ? 10 DC  B "H5''" 1 
ATOM   307 H "H4'"  . DC  B 1 4 ? -3.793  10.738  6.256   1.00 0.00 ? 10 DC  B "H4'"  1 
ATOM   308 H "H3'"  . DC  B 1 4 ? -0.794  10.537  6.341   1.00 0.00 ? 10 DC  B "H3'"  1 
ATOM   309 H "H2'"  . DC  B 1 4 ? -0.870  8.265   6.194   1.00 0.00 ? 10 DC  B "H2'"  1 
ATOM   310 H "H2''" . DC  B 1 4 ? -2.271  8.144   7.289   1.00 0.00 ? 10 DC  B "H2''" 1 
ATOM   311 H "H1'"  . DC  B 1 4 ? -3.807  8.171   5.632   1.00 0.00 ? 10 DC  B "H1'"  1 
ATOM   312 H H41    . DC  B 1 4 ? -1.941  4.065   1.417   1.00 0.00 ? 10 DC  B H41    1 
ATOM   313 H H42    . DC  B 1 4 ? -0.515  5.013   0.868   1.00 0.00 ? 10 DC  B H42    1 
ATOM   314 H H5     . DC  B 1 4 ? 0.065   7.108   1.949   1.00 0.00 ? 10 DC  B H5     1 
ATOM   315 H H6     . DC  B 1 4 ? -0.714  8.733   3.629   1.00 0.00 ? 10 DC  B H6     1 
ATOM   316 P P      . DA  B 1 5 ? -0.997  10.265  9.184   1.00 0.00 ? 11 DA  B P      1 
ATOM   317 O OP1    . DA  B 1 5 ? -1.468  11.030  10.359  1.00 0.00 ? 11 DA  B OP1    1 
ATOM   318 O OP2    . DA  B 1 5 ? 0.372   10.483  8.665   1.00 0.00 ? 11 DA  B OP2    1 
ATOM   319 O "O5'"  . DA  B 1 5 ? -1.187  8.699   9.504   1.00 0.00 ? 11 DA  B "O5'"  1 
ATOM   320 C "C5'"  . DA  B 1 5 ? -0.668  8.092   10.678  1.00 0.00 ? 11 DA  B "C5'"  1 
ATOM   321 C "C4'"  . DA  B 1 5 ? -1.660  7.018   11.153  1.00 0.00 ? 11 DA  B "C4'"  1 
ATOM   322 O "O4'"  . DA  B 1 5 ? -1.769  5.949   10.207  1.00 0.00 ? 11 DA  B "O4'"  1 
ATOM   323 C "C3'"  . DA  B 1 5 ? -1.279  6.357   12.488  1.00 0.00 ? 11 DA  B "C3'"  1 
ATOM   324 O "O3'"  . DA  B 1 5 ? -2.485  5.947   13.128  1.00 0.00 ? 11 DA  B "O3'"  1 
ATOM   325 C "C2'"  . DA  B 1 5 ? -0.420  5.194   11.996  1.00 0.00 ? 11 DA  B "C2'"  1 
ATOM   326 C "C1'"  . DA  B 1 5 ? -1.183  4.767   10.741  1.00 0.00 ? 11 DA  B "C1'"  1 
ATOM   327 N N9     . DA  B 1 5 ? -0.329  4.094   9.734   1.00 0.00 ? 11 DA  B N9     1 
ATOM   328 C C8     . DA  B 1 5 ? 0.926   4.446   9.292   1.00 0.00 ? 11 DA  B C8     1 
ATOM   329 N N7     . DA  B 1 5 ? 1.452   3.611   8.437   1.00 0.00 ? 11 DA  B N7     1 
ATOM   330 C C5     . DA  B 1 5 ? 0.460   2.629   8.304   1.00 0.00 ? 11 DA  B C5     1 
ATOM   331 C C6     . DA  B 1 5 ? 0.329   1.442   7.545   1.00 0.00 ? 11 DA  B C6     1 
ATOM   332 N N6     . DA  B 1 5 ? 1.247   0.972   6.723   1.00 0.00 ? 11 DA  B N6     1 
ATOM   333 N N1     . DA  B 1 5 ? -0.773  0.700   7.615   1.00 0.00 ? 11 DA  B N1     1 
ATOM   334 C C2     . DA  B 1 5 ? -1.756  1.113   8.402   1.00 0.00 ? 11 DA  B C2     1 
ATOM   335 N N3     . DA  B 1 5 ? -1.794  2.204   9.162   1.00 0.00 ? 11 DA  B N3     1 
ATOM   336 C C4     . DA  B 1 5 ? -0.635  2.921   9.074   1.00 0.00 ? 11 DA  B C4     1 
ATOM   337 H "H5'"  . DA  B 1 5 ? -0.562  8.842   11.464  1.00 0.00 ? 11 DA  B "H5'"  1 
ATOM   338 H "H5''" . DA  B 1 5 ? 0.308   7.655   10.467  1.00 0.00 ? 11 DA  B "H5''" 1 
ATOM   339 H "H4'"  . DA  B 1 5 ? -2.622  7.517   11.263  1.00 0.00 ? 11 DA  B "H4'"  1 
ATOM   340 H "H3'"  . DA  B 1 5 ? -0.710  7.034   13.130  1.00 0.00 ? 11 DA  B "H3'"  1 
ATOM   341 H "H2'"  . DA  B 1 5 ? 0.578   5.559   11.756  1.00 0.00 ? 11 DA  B "H2'"  1 
ATOM   342 H "H2''" . DA  B 1 5 ? -0.347  4.386   12.721  1.00 0.00 ? 11 DA  B "H2''" 1 
ATOM   343 H "H1'"  . DA  B 1 5 ? -1.977  4.078   11.044  1.00 0.00 ? 11 DA  B "H1'"  1 
ATOM   344 H H8     . DA  B 1 5 ? 1.433   5.344   9.620   1.00 0.00 ? 11 DA  B H8     1 
ATOM   345 H H61    . DA  B 1 5 ? 1.044   0.145   6.171   1.00 0.00 ? 11 DA  B H61    1 
ATOM   346 H H62    . DA  B 1 5 ? 2.131   1.444   6.671   1.00 0.00 ? 11 DA  B H62    1 
ATOM   347 H H2     . DA  B 1 5 ? -2.638  0.486   8.425   1.00 0.00 ? 11 DA  B H2     1 
ATOM   348 P P      . DT  B 1 6 ? -2.525  5.163   14.524  1.00 0.00 ? 12 DT  B P      1 
ATOM   349 O OP1    . DT  B 1 6 ? -3.920  5.333   14.990  1.00 0.00 ? 12 DT  B OP1    1 
ATOM   350 O OP2    . DT  B 1 6 ? -1.397  5.603   15.359  1.00 0.00 ? 12 DT  B OP2    1 
ATOM   351 O "O5'"  . DT  B 1 6 ? -2.321  3.640   14.108  1.00 0.00 ? 12 DT  B "O5'"  1 
ATOM   352 C "C5'"  . DT  B 1 6 ? -3.357  2.894   13.482  1.00 0.00 ? 12 DT  B "C5'"  1 
ATOM   353 C "C4'"  . DT  B 1 6 ? -2.915  1.457   13.179  1.00 0.00 ? 12 DT  B "C4'"  1 
ATOM   354 O "O4'"  . DT  B 1 6 ? -1.950  1.424   12.141  1.00 0.00 ? 12 DT  B "O4'"  1 
ATOM   355 C "C3'"  . DT  B 1 6 ? -2.282  0.745   14.389  1.00 0.00 ? 12 DT  B "C3'"  1 
ATOM   356 O "O3'"  . DT  B 1 6 ? -3.111  -0.294  14.890  1.00 0.00 ? 12 DT  B "O3'"  1 
ATOM   357 C "C2'"  . DT  B 1 6 ? -0.976  0.189   13.822  1.00 0.00 ? 12 DT  B "C2'"  1 
ATOM   358 C "C1'"  . DT  B 1 6 ? -1.234  0.219   12.316  1.00 0.00 ? 12 DT  B "C1'"  1 
ATOM   359 N N1     . DT  B 1 6 ? -0.003  0.172   11.476  1.00 0.00 ? 12 DT  B N1     1 
ATOM   360 C C2     . DT  B 1 6 ? 0.101   -0.847  10.519  1.00 0.00 ? 12 DT  B C2     1 
ATOM   361 O O2     . DT  B 1 6 ? -0.788  -1.661  10.286  1.00 0.00 ? 12 DT  B O2     1 
ATOM   362 N N3     . DT  B 1 6 ? 1.265   -0.908  9.797   1.00 0.00 ? 12 DT  B N3     1 
ATOM   363 C C4     . DT  B 1 6 ? 2.327   -0.044  9.899   1.00 0.00 ? 12 DT  B C4     1 
ATOM   364 O O4     . DT  B 1 6 ? 3.286   -0.212  9.149   1.00 0.00 ? 12 DT  B O4     1 
ATOM   365 C C5     . DT  B 1 6 ? 2.160   1.008   10.905  1.00 0.00 ? 12 DT  B C5     1 
ATOM   366 C C7     . DT  B 1 6 ? 3.260   2.032   11.126  1.00 0.00 ? 12 DT  B C7     1 
ATOM   367 C C6     . DT  B 1 6 ? 1.020   1.085   11.646  1.00 0.00 ? 12 DT  B C6     1 
ATOM   368 H "H5'"  . DT  B 1 6 ? -3.648  3.376   12.548  1.00 0.00 ? 12 DT  B "H5'"  1 
ATOM   369 H "H5''" . DT  B 1 6 ? -4.227  2.858   14.138  1.00 0.00 ? 12 DT  B "H5''" 1 
ATOM   370 H "H4'"  . DT  B 1 6 ? -3.787  0.884   12.856  1.00 0.00 ? 12 DT  B "H4'"  1 
ATOM   371 H "H3'"  . DT  B 1 6 ? -2.060  1.454   15.186  1.00 0.00 ? 12 DT  B "H3'"  1 
ATOM   372 H "HO3'" . DT  B 1 6 ? -3.824  0.140   15.407  1.00 0.00 ? 12 DT  B "HO3'" 1 
ATOM   373 H "H2'"  . DT  B 1 6 ? -0.158  0.853   14.098  1.00 0.00 ? 12 DT  B "H2'"  1 
ATOM   374 H "H2''" . DT  B 1 6 ? -0.768  -0.819  14.166  1.00 0.00 ? 12 DT  B "H2''" 1 
ATOM   375 H "H1'"  . DT  B 1 6 ? -1.887  -0.626  12.071  1.00 0.00 ? 12 DT  B "H1'"  1 
ATOM   376 H H3     . DT  B 1 6 ? 1.333   -1.641  9.105   1.00 0.00 ? 12 DT  B H3     1 
ATOM   377 H H71    . DT  B 1 6 ? 3.471   2.540   10.185  1.00 0.00 ? 12 DT  B H71    1 
ATOM   378 H H72    . DT  B 1 6 ? 2.975   2.765   11.880  1.00 0.00 ? 12 DT  B H72    1 
ATOM   379 H H73    . DT  B 1 6 ? 4.167   1.518   11.447  1.00 0.00 ? 12 DT  B H73    1 
ATOM   380 H H6     . DT  B 1 6 ? 0.901   1.874   12.375  1.00 0.00 ? 12 DT  B H6     1 
HETATM 381 C C1     . XR2 C 2 . ? -2.470  -0.367  2.920   1.00 0.00 ? 13 XR2 A C1     1 
HETATM 382 C C2     . XR2 C 2 . ? -3.520  -1.235  3.241   1.00 0.00 ? 13 XR2 A C2     1 
HETATM 383 C C3     . XR2 C 2 . ? -4.324  -1.007  4.348   1.00 0.00 ? 13 XR2 A C3     1 
HETATM 384 C C4     . XR2 C 2 . ? -4.122  0.124   5.127   1.00 0.00 ? 13 XR2 A C4     1 
HETATM 385 C C12    . XR2 C 2 . ? -3.085  1.004   4.843   1.00 0.00 ? 13 XR2 A C12    1 
HETATM 386 C C11    . XR2 C 2 . ? -2.210  0.742   3.756   1.00 0.00 ? 13 XR2 A C11    1 
HETATM 387 N N5     . XR2 C 2 . ? -2.966  2.107   5.622   1.00 0.00 ? 13 XR2 A N5     1 
HETATM 388 N N10    . XR2 C 2 . ? -1.158  1.576   3.519   1.00 0.00 ? 13 XR2 A N10    1 
HETATM 389 C C13    . XR2 C 2 . ? -1.913  2.918   5.378   1.00 0.00 ? 13 XR2 A C13    1 
HETATM 390 C C14    . XR2 C 2 . ? -0.977  2.633   4.358   1.00 0.00 ? 13 XR2 A C14    1 
HETATM 391 C C6     . XR2 C 2 . ? -1.735  4.039   6.185   1.00 0.00 ? 13 XR2 A C6     1 
HETATM 392 C C7     . XR2 C 2 . ? -0.620  4.858   6.030   1.00 0.00 ? 13 XR2 A C7     1 
HETATM 393 C C8     . XR2 C 2 . ? 0.334   4.550   5.063   1.00 0.00 ? 13 XR2 A C8     1 
HETATM 394 C C9     . XR2 C 2 . ? 0.159   3.447   4.222   1.00 0.00 ? 13 XR2 A C9     1 
HETATM 395 C C9A    . XR2 C 2 . ? 1.243   3.111   3.205   1.00 0.00 ? 13 XR2 A C9A    1 
HETATM 396 C C      . XR2 C 2 . ? -1.738  -0.670  1.644   1.00 0.00 ? 13 XR2 A C      1 
HETATM 397 O O      . XR2 C 2 . ? -2.063  -1.562  0.890   1.00 0.00 ? 13 XR2 A O      1 
HETATM 398 N N      . XR2 C 2 . ? -0.721  0.113   1.274   1.00 0.00 ? 13 XR2 A N      1 
HETATM 399 C CA     . XR2 C 2 . ? 0.000   0.000   0.000   1.00 0.00 ? 13 XR2 A CA     1 
HETATM 400 C CB     . XR2 C 2 . ? -0.811  0.659   -1.139  1.00 0.00 ? 13 XR2 A CB     1 
HETATM 401 N NG     . XR2 C 2 . ? -1.311  2.054   -0.786  1.00 0.00 ? 13 XR2 A NG     1 
HETATM 402 C CD     . XR2 C 2 . ? -2.004  2.812   -1.911  1.00 0.00 ? 13 XR2 A CD     1 
HETATM 403 N "N'"   . XR2 C 2 . ? -6.740  4.545   -3.951  1.00 0.00 ? 13 XR2 A "N'"   1 
HETATM 404 C "C'"   . XR2 C 2 . ? -6.199  5.724   -3.619  1.00 0.00 ? 13 XR2 A "C'"   1 
HETATM 405 O "O'"   . XR2 C 2 . ? -5.118  5.993   -4.105  1.00 0.00 ? 13 XR2 A "O'"   1 
HETATM 406 C "C1'"  . XR2 C 2 . ? -6.876  6.589   -2.587  1.00 0.00 ? 13 XR2 A "C1'"  1 
HETATM 407 C "C2'"  . XR2 C 2 . ? -6.207  7.758   -2.212  1.00 0.00 ? 13 XR2 A "C2'"  1 
HETATM 408 C "C3'"  . XR2 C 2 . ? -6.672  8.545   -1.163  1.00 0.00 ? 13 XR2 A "C3'"  1 
HETATM 409 C "C4'"  . XR2 C 2 . ? -7.804  8.164   -0.461  1.00 0.00 ? 13 XR2 A "C4'"  1 
HETATM 410 C CCX    . XR2 C 2 . ? -8.505  7.015   -0.815  1.00 0.00 ? 13 XR2 A CCX    1 
HETATM 411 N "N5'"  . XR2 C 2 . ? -9.567  6.661   -0.050  1.00 0.00 ? 13 XR2 A "N5'"  1 
HETATM 412 C CDX    . XR2 C 2 . ? -10.253 5.557   -0.429  1.00 0.00 ? 13 XR2 A CDX    1 
HETATM 413 C CEX    . XR2 C 2 . ? -9.908  4.835   -1.596  1.00 0.00 ? 13 XR2 A CEX    1 
HETATM 414 N NAX    . XR2 C 2 . ? -8.800  5.160   -2.312  1.00 0.00 ? 13 XR2 A NAX    1 
HETATM 415 C CBX    . XR2 C 2 . ? -8.074  6.242   -1.921  1.00 0.00 ? 13 XR2 A CBX    1 
HETATM 416 C "C9'"  . XR2 C 2 . ? -10.716 3.769   -2.012  1.00 0.00 ? 13 XR2 A "C9'"  1 
HETATM 417 C "C8'"  . XR2 C 2 . ? -11.817 3.385   -1.241  1.00 0.00 ? 13 XR2 A "C8'"  1 
HETATM 418 C "C7'"  . XR2 C 2 . ? -12.111 4.051   -0.060  1.00 0.00 ? 13 XR2 A "C7'"  1 
HETATM 419 C "C6'"  . XR2 C 2 . ? -11.331 5.138   0.339   1.00 0.00 ? 13 XR2 A "C6'"  1 
HETATM 420 C C9X    . XR2 C 2 . ? -10.435 3.035   -3.318  1.00 0.00 ? 13 XR2 A C9X    1 
HETATM 421 C "CA'"  . XR2 C 2 . ? -6.139  3.528   -4.827  1.00 0.00 ? 13 XR2 A "CA'"  1 
HETATM 422 C "CB'"  . XR2 C 2 . ? -5.268  2.524   -4.037  1.00 0.00 ? 13 XR2 A "CB'"  1 
HETATM 423 N "NG'"  . XR2 C 2 . ? -4.185  3.185   -3.203  1.00 0.00 ? 13 XR2 A "NG'"  1 
HETATM 424 C "CD'"  . XR2 C 2 . ? -3.331  2.200   -2.420  1.00 0.00 ? 13 XR2 A "CD'"  1 
HETATM 425 H H2     . XR2 C 2 . ? -3.728  -2.099  2.608   1.00 0.00 ? 13 XR2 A H2     1 
HETATM 426 H H3     . XR2 C 2 . ? -5.130  -1.696  4.589   1.00 0.00 ? 13 XR2 A H3     1 
HETATM 427 H H4     . XR2 C 2 . ? -4.777  0.331   5.971   1.00 0.00 ? 13 XR2 A H4     1 
HETATM 428 H H6     . XR2 C 2 . ? -2.468  4.251   6.959   1.00 0.00 ? 13 XR2 A H6     1 
HETATM 429 H H7     . XR2 C 2 . ? -0.473  5.712   6.691   1.00 0.00 ? 13 XR2 A H7     1 
HETATM 430 H H8     . XR2 C 2 . ? 1.224   5.171   4.977   1.00 0.00 ? 13 XR2 A H8     1 
HETATM 431 H H91    . XR2 C 2 . ? 1.695   2.145   3.448   1.00 0.00 ? 13 XR2 A H91    1 
HETATM 432 H H92    . XR2 C 2 . ? 2.035   3.863   3.200   1.00 0.00 ? 13 XR2 A H92    1 
HETATM 433 H H93    . XR2 C 2 . ? 0.827   3.050   2.199   1.00 0.00 ? 13 XR2 A H93    1 
HETATM 434 H HN     . XR2 C 2 . ? -0.435  0.770   1.995   1.00 0.00 ? 13 XR2 A HN     1 
HETATM 435 H HA1    . XR2 C 2 . ? 0.162   -1.058  -0.234  1.00 0.00 ? 13 XR2 A HA1    1 
HETATM 436 H HA2    . XR2 C 2 . ? 0.980   0.477   0.095   1.00 0.00 ? 13 XR2 A HA2    1 
HETATM 437 H HB1    . XR2 C 2 . ? -1.687  0.031   -1.340  1.00 0.00 ? 13 XR2 A HB1    1 
HETATM 438 H HB2    . XR2 C 2 . ? -0.199  0.712   -2.047  1.00 0.00 ? 13 XR2 A HB2    1 
HETATM 439 H HG1    . XR2 C 2 . ? -0.525  2.616   -0.411  1.00 0.00 ? 13 XR2 A HG1    1 
HETATM 440 H HG2    . XR2 C 2 . ? -1.978  1.984   0.036   1.00 0.00 ? 13 XR2 A HG2    1 
HETATM 441 H HD1    . XR2 C 2 . ? -2.220  3.812   -1.518  1.00 0.00 ? 13 XR2 A HD1    1 
HETATM 442 H HD2    . XR2 C 2 . ? -1.296  2.926   -2.741  1.00 0.00 ? 13 XR2 A HD2    1 
HETATM 443 H "HN'"  . XR2 C 2 . ? -7.654  4.386   -3.537  1.00 0.00 ? 13 XR2 A "HN'"  1 
HETATM 444 H "H2'"  . XR2 C 2 . ? -5.281  8.046   -2.712  1.00 0.00 ? 13 XR2 A "H2'"  1 
HETATM 445 H "H3'"  . XR2 C 2 . ? -6.119  9.432   -0.857  1.00 0.00 ? 13 XR2 A "H3'"  1 
HETATM 446 H "H4'"  . XR2 C 2 . ? -8.149  8.751   0.386   1.00 0.00 ? 13 XR2 A "H4'"  1 
HETATM 447 H "H8'"  . XR2 C 2 . ? -12.456 2.566   -1.570  1.00 0.00 ? 13 XR2 A "H8'"  1 
HETATM 448 H "H7'"  . XR2 C 2 . ? -12.980 3.759   0.526   1.00 0.00 ? 13 XR2 A "H7'"  1 
HETATM 449 H "H6'"  . XR2 C 2 . ? -11.586 5.697   1.236   1.00 0.00 ? 13 XR2 A "H6'"  1 
HETATM 450 H "H91'" . XR2 C 2 . ? -9.501  2.475   -3.251  1.00 0.00 ? 13 XR2 A "H91'" 1 
HETATM 451 H "H92'" . XR2 C 2 . ? -11.237 2.337   -3.567  1.00 0.00 ? 13 XR2 A "H92'" 1 
HETATM 452 H "H93'" . XR2 C 2 . ? -10.350 3.751   -4.141  1.00 0.00 ? 13 XR2 A "H93'" 1 
HETATM 453 H "HA1'" . XR2 C 2 . ? -5.532  4.018   -5.597  1.00 0.00 ? 13 XR2 A "HA1'" 1 
HETATM 454 H "HA2'" . XR2 C 2 . ? -6.941  2.983   -5.335  1.00 0.00 ? 13 XR2 A "HA2'" 1 
HETATM 455 H "HB1'" . XR2 C 2 . ? -5.904  1.950   -3.357  1.00 0.00 ? 13 XR2 A "HB1'" 1 
HETATM 456 H "HB2'" . XR2 C 2 . ? -4.791  1.831   -4.739  1.00 0.00 ? 13 XR2 A "HB2'" 1 
HETATM 457 H "HG1'" . XR2 C 2 . ? -3.621  3.832   -3.817  1.00 0.00 ? 13 XR2 A "HG1'" 1 
HETATM 458 H "HG2'" . XR2 C 2 . ? -4.654  3.845   -2.527  1.00 0.00 ? 13 XR2 A "HG2'" 1 
HETATM 459 H "HD1'" . XR2 C 2 . ? -3.935  1.857   -1.567  1.00 0.00 ? 13 XR2 A "HD1'" 1 
HETATM 460 H "HD2'" . XR2 C 2 . ? -3.120  1.339   -3.062  1.00 0.00 ? 13 XR2 A "HD2'" 1 
# 
